data_1N59
#
_entry.id   1N59
#
_cell.length_a   50.551
_cell.length_b   88.574
_cell.length_c   120.090
_cell.angle_alpha   90.00
_cell.angle_beta   93.72
_cell.angle_gamma   90.00
#
_symmetry.space_group_name_H-M   'P 1 21 1'
#
loop_
_entity.id
_entity.type
_entity.pdbx_description
1 polymer 'H-2 class I histocompatibility antigen, K-B alpha chain'
2 polymer Beta-2-microglobulin
3 polymer 'nonameric peptide, gp33 derived from lymphocytic choriomeningitis virus'
4 water water
#
loop_
_entity_poly.entity_id
_entity_poly.type
_entity_poly.pdbx_seq_one_letter_code
_entity_poly.pdbx_strand_id
1 'polypeptide(L)'
;GPHSLRYFVTAVSRPGLGEPRYMEVGYVDDTEFVRFDSDAENPRYEPRARWMEQEGPEYWERETQKAKGNEQSFRVDLRT
LLGYYNQSKGGSHTIQVISGCEVGSDGRLLRGYQQYAYDGCDYIALNEDLKTWTAADMAALITKHKWEQAGEAERLRAYL
EGTCVEWLRRYLKNGNATLLRTDSPKAHVTHHSRPEDKVTLRCWALGFYPADITLTWQLNGEELIQDMELVETRPAGDGT
FQKWASVVVPLGKEQYYTCHVYHQGLPEPLTLRWEP
;
A,C
2 'polypeptide(L)'
;IQKTPQIQVYSRHPPENGKPNILNCYVTQFHPPHIEIQMLKNGKKIPKVEMSDMSFSKDWSFYILAHTEFTPTETDTYAC
RVKHDSMAEPKTVYWDRDM
;
B,D
3 'polypeptide(L)' KAVYNFATM P,Q
#
# COMPACT_ATOMS: atom_id res chain seq x y z
N GLY A 1 -3.89 -1.08 -3.62
CA GLY A 1 -4.10 0.10 -2.70
C GLY A 1 -5.02 -0.23 -1.53
N PRO A 2 -4.62 0.22 -0.34
CA PRO A 2 -5.43 0.03 0.87
C PRO A 2 -6.58 1.02 0.82
N HIS A 3 -7.48 0.94 1.79
CA HIS A 3 -8.64 1.84 1.81
C HIS A 3 -9.13 1.97 3.22
N SER A 4 -9.93 3.00 3.45
CA SER A 4 -10.46 3.17 4.79
C SER A 4 -11.87 3.80 4.84
N LEU A 5 -12.49 3.70 6.02
CA LEU A 5 -13.79 4.25 6.28
C LEU A 5 -13.59 5.10 7.53
N ARG A 6 -13.74 6.43 7.46
CA ARG A 6 -13.56 7.31 8.62
C ARG A 6 -14.83 8.08 8.96
N TYR A 7 -15.15 8.16 10.24
CA TYR A 7 -16.29 8.93 10.67
C TYR A 7 -15.84 10.16 11.50
N PHE A 8 -16.23 11.37 11.09
CA PHE A 8 -15.90 12.49 11.92
C PHE A 8 -17.18 12.88 12.67
N VAL A 9 -17.22 12.67 13.99
CA VAL A 9 -18.44 13.06 14.68
C VAL A 9 -18.11 14.20 15.66
N THR A 10 -19.00 15.18 15.77
CA THR A 10 -18.71 16.32 16.60
C THR A 10 -19.94 16.68 17.40
N ALA A 11 -19.77 17.08 18.67
CA ALA A 11 -20.92 17.47 19.48
C ALA A 11 -20.50 18.75 20.11
N VAL A 12 -21.39 19.77 20.10
CA VAL A 12 -21.06 21.05 20.72
C VAL A 12 -22.19 21.70 21.53
N SER A 13 -21.95 21.85 22.82
CA SER A 13 -22.91 22.37 23.70
C SER A 13 -22.96 23.81 23.34
N ARG A 14 -24.13 24.45 23.52
CA ARG A 14 -24.34 25.86 23.25
C ARG A 14 -25.39 26.39 24.19
N PRO A 15 -24.97 26.62 25.44
CA PRO A 15 -25.84 27.07 26.51
C PRO A 15 -26.61 28.30 26.19
N GLY A 16 -27.90 28.24 26.51
CA GLY A 16 -28.82 29.31 26.30
C GLY A 16 -29.37 29.28 24.89
N LEU A 17 -28.78 28.46 24.06
CA LEU A 17 -29.27 28.43 22.70
C LEU A 17 -29.97 27.11 22.31
N GLY A 18 -30.21 26.22 23.28
CA GLY A 18 -30.84 24.95 23.00
C GLY A 18 -29.91 23.75 23.08
N GLU A 19 -30.40 22.62 22.61
CA GLU A 19 -29.65 21.39 22.63
C GLU A 19 -28.39 21.46 21.76
N PRO A 20 -27.36 20.72 22.17
CA PRO A 20 -26.11 20.67 21.42
C PRO A 20 -26.33 20.41 19.94
N ARG A 21 -25.33 20.68 19.13
CA ARG A 21 -25.40 20.42 17.71
C ARG A 21 -24.54 19.16 17.40
N TYR A 22 -25.15 18.16 16.82
CA TYR A 22 -24.46 16.92 16.59
C TYR A 22 -24.32 16.72 15.09
N MET A 23 -23.15 16.23 14.69
CA MET A 23 -22.94 16.11 13.31
C MET A 23 -22.10 14.92 13.17
N GLU A 24 -22.28 14.26 12.03
CA GLU A 24 -21.54 13.09 11.64
C GLU A 24 -21.23 13.25 10.18
N VAL A 25 -20.00 12.91 9.79
CA VAL A 25 -19.57 13.01 8.40
C VAL A 25 -18.75 11.84 8.15
N GLY A 26 -19.02 11.13 7.07
CA GLY A 26 -18.25 9.95 6.80
C GLY A 26 -17.51 9.99 5.48
N TYR A 27 -16.38 9.31 5.42
CA TYR A 27 -15.58 9.29 4.21
C TYR A 27 -15.04 7.89 3.89
N VAL A 28 -14.95 7.57 2.62
CA VAL A 28 -14.30 6.38 2.19
C VAL A 28 -13.14 6.97 1.40
N ASP A 29 -11.97 7.06 2.01
CA ASP A 29 -10.79 7.54 1.35
C ASP A 29 -10.94 8.90 0.73
N ASP A 30 -10.99 9.96 1.49
CA ASP A 30 -10.94 11.28 0.76
C ASP A 30 -12.20 11.76 0.02
N THR A 31 -13.22 10.95 -0.10
CA THR A 31 -14.46 11.46 -0.65
C THR A 31 -15.58 11.27 0.34
N GLU A 32 -16.19 12.37 0.69
CA GLU A 32 -17.29 12.42 1.60
C GLU A 32 -18.42 11.64 0.97
N PHE A 33 -19.04 10.74 1.73
CA PHE A 33 -20.11 9.98 1.16
C PHE A 33 -21.37 9.97 1.99
N VAL A 34 -21.28 10.33 3.28
CA VAL A 34 -22.50 10.39 4.09
C VAL A 34 -22.40 11.39 5.22
N ARG A 35 -23.54 11.90 5.66
CA ARG A 35 -23.53 12.85 6.77
C ARG A 35 -24.87 13.12 7.52
N PHE A 36 -24.75 13.61 8.74
CA PHE A 36 -25.91 13.92 9.51
C PHE A 36 -25.55 15.13 10.30
N ASP A 37 -26.48 16.09 10.36
CA ASP A 37 -26.34 17.34 11.08
C ASP A 37 -27.66 17.64 11.83
N SER A 38 -27.63 17.69 13.17
CA SER A 38 -28.84 17.92 13.92
C SER A 38 -29.53 19.20 13.60
N ASP A 39 -28.89 20.09 12.87
CA ASP A 39 -29.49 21.37 12.55
C ASP A 39 -30.11 21.43 11.16
N ALA A 40 -30.20 20.32 10.46
CA ALA A 40 -30.84 20.38 9.16
C ALA A 40 -32.31 20.63 9.45
N GLU A 41 -33.11 20.74 8.41
CA GLU A 41 -34.53 20.94 8.68
C GLU A 41 -35.09 19.65 9.25
N ASN A 42 -34.92 18.63 8.45
CA ASN A 42 -35.27 17.27 8.89
C ASN A 42 -33.97 16.49 9.11
N PRO A 43 -33.55 16.33 10.34
CA PRO A 43 -32.31 15.58 10.55
C PRO A 43 -32.44 14.16 10.10
N ARG A 44 -31.86 13.84 8.96
CA ARG A 44 -31.87 12.49 8.44
C ARG A 44 -30.51 12.18 7.86
N TYR A 45 -29.99 10.98 8.05
CA TYR A 45 -28.70 10.67 7.46
C TYR A 45 -28.97 10.82 5.99
N GLU A 46 -28.01 11.36 5.24
CA GLU A 46 -28.21 11.46 3.81
C GLU A 46 -26.92 11.30 3.07
N PRO A 47 -27.02 10.97 1.78
CA PRO A 47 -25.88 10.71 0.93
C PRO A 47 -25.13 11.93 0.46
N ARG A 48 -23.85 11.76 0.17
CA ARG A 48 -22.98 12.83 -0.29
C ARG A 48 -22.26 12.36 -1.54
N ALA A 49 -22.76 11.27 -2.13
CA ALA A 49 -22.15 10.64 -3.28
C ALA A 49 -23.25 9.90 -4.01
N ARG A 50 -23.21 9.85 -5.33
CA ARG A 50 -24.28 9.19 -6.06
C ARG A 50 -24.34 7.74 -5.67
N TRP A 51 -23.22 7.04 -5.76
CA TRP A 51 -23.28 5.64 -5.39
C TRP A 51 -24.05 5.33 -4.12
N MET A 52 -24.22 6.30 -3.24
CA MET A 52 -24.93 6.01 -2.03
C MET A 52 -26.42 6.06 -2.23
N GLU A 53 -26.86 6.31 -3.45
CA GLU A 53 -28.29 6.34 -3.73
C GLU A 53 -28.74 4.91 -4.02
N GLN A 54 -27.75 4.03 -4.14
CA GLN A 54 -27.99 2.64 -4.37
C GLN A 54 -28.51 1.95 -3.13
N GLU A 55 -28.86 2.68 -2.10
CA GLU A 55 -29.27 2.05 -0.85
C GLU A 55 -30.75 2.16 -0.51
N GLY A 56 -31.32 1.01 -0.12
CA GLY A 56 -32.73 0.90 0.19
C GLY A 56 -33.17 1.82 1.29
N PRO A 57 -34.45 2.07 1.36
CA PRO A 57 -35.00 2.99 2.34
C PRO A 57 -34.63 2.52 3.71
N GLU A 58 -34.33 1.24 3.83
CA GLU A 58 -33.98 0.72 5.14
C GLU A 58 -32.67 1.28 5.66
N TYR A 59 -31.60 1.08 4.92
CA TYR A 59 -30.29 1.53 5.34
C TYR A 59 -30.36 2.92 5.93
N TRP A 60 -31.02 3.83 5.21
CA TRP A 60 -31.12 5.20 5.63
C TRP A 60 -31.92 5.40 6.91
N GLU A 61 -32.63 4.38 7.36
CA GLU A 61 -33.41 4.56 8.55
C GLU A 61 -32.61 4.07 9.72
N ARG A 62 -31.89 2.98 9.53
CA ARG A 62 -31.07 2.45 10.61
C ARG A 62 -29.99 3.44 10.96
N GLU A 63 -29.46 4.11 9.94
CA GLU A 63 -28.44 5.05 10.22
C GLU A 63 -29.05 6.29 10.91
N THR A 64 -30.07 6.89 10.31
CA THR A 64 -30.70 8.02 10.91
C THR A 64 -31.06 7.73 12.34
N GLN A 65 -31.35 6.47 12.67
CA GLN A 65 -31.71 6.25 14.05
C GLN A 65 -30.50 6.08 14.92
N LYS A 66 -29.58 5.21 14.55
CA LYS A 66 -28.39 5.03 15.40
C LYS A 66 -27.61 6.33 15.48
N ALA A 67 -28.03 7.29 14.68
CA ALA A 67 -27.38 8.58 14.70
C ALA A 67 -27.98 9.35 15.80
N LYS A 68 -29.34 9.36 15.83
CA LYS A 68 -30.08 10.12 16.81
C LYS A 68 -29.80 9.52 18.15
N GLY A 69 -29.43 8.26 18.13
CA GLY A 69 -29.05 7.64 19.37
C GLY A 69 -27.74 8.24 19.85
N ASN A 70 -26.71 8.28 19.00
CA ASN A 70 -25.43 8.83 19.40
C ASN A 70 -25.64 10.28 19.86
N GLU A 71 -26.52 10.97 19.18
CA GLU A 71 -26.76 12.37 19.54
C GLU A 71 -27.08 12.48 21.05
N GLN A 72 -27.99 11.63 21.51
CA GLN A 72 -28.37 11.69 22.91
C GLN A 72 -27.19 11.34 23.77
N SER A 73 -26.46 10.33 23.32
CA SER A 73 -25.32 9.83 24.03
C SER A 73 -24.24 10.89 24.24
N PHE A 74 -23.88 11.61 23.19
CA PHE A 74 -22.86 12.66 23.37
C PHE A 74 -23.48 13.77 24.15
N ARG A 75 -24.81 13.87 24.06
CA ARG A 75 -25.45 14.94 24.76
C ARG A 75 -25.30 14.63 26.23
N VAL A 76 -25.36 13.39 26.61
CA VAL A 76 -25.13 13.11 28.00
C VAL A 76 -23.66 13.28 28.33
N ASP A 77 -22.80 12.84 27.40
CA ASP A 77 -21.36 12.94 27.53
C ASP A 77 -20.91 14.37 27.93
N LEU A 78 -21.40 15.34 27.18
CA LEU A 78 -20.99 16.72 27.38
C LEU A 78 -21.22 17.17 28.84
N ARG A 79 -22.33 16.72 29.42
CA ARG A 79 -22.68 17.08 30.77
C ARG A 79 -21.82 16.29 31.70
N THR A 80 -21.43 15.08 31.30
CA THR A 80 -20.62 14.26 32.15
C THR A 80 -19.28 14.86 32.28
N LEU A 81 -18.69 15.19 31.14
CA LEU A 81 -17.37 15.78 31.20
C LEU A 81 -17.34 17.05 32.01
N LEU A 82 -18.49 17.71 32.20
CA LEU A 82 -18.51 18.95 32.96
C LEU A 82 -18.23 18.64 34.43
N GLY A 83 -18.61 17.45 34.87
CA GLY A 83 -18.38 17.15 36.24
C GLY A 83 -16.97 16.72 36.39
N TYR A 84 -16.48 16.00 35.39
CA TYR A 84 -15.13 15.48 35.45
C TYR A 84 -14.13 16.61 35.63
N TYR A 85 -14.30 17.70 34.87
CA TYR A 85 -13.37 18.84 34.88
C TYR A 85 -13.82 20.00 35.77
N ASN A 86 -14.85 19.78 36.56
CA ASN A 86 -15.32 20.87 37.42
C ASN A 86 -15.47 22.14 36.61
N GLN A 87 -16.08 22.04 35.44
CA GLN A 87 -16.28 23.18 34.60
C GLN A 87 -17.67 23.79 34.79
N SER A 88 -17.77 25.07 34.52
CA SER A 88 -18.99 25.80 34.65
C SER A 88 -20.02 25.29 33.70
N LYS A 89 -21.27 25.23 34.11
CA LYS A 89 -22.35 24.82 33.22
C LYS A 89 -22.59 25.87 32.16
N GLY A 90 -22.01 27.05 32.31
CA GLY A 90 -22.30 28.12 31.37
C GLY A 90 -21.50 28.15 30.08
N GLY A 91 -20.30 27.54 30.10
CA GLY A 91 -19.43 27.52 28.95
C GLY A 91 -19.77 26.49 27.87
N SER A 92 -19.42 26.83 26.62
CA SER A 92 -19.67 25.97 25.50
C SER A 92 -18.45 25.05 25.29
N HIS A 93 -18.66 23.77 25.02
CA HIS A 93 -17.53 22.85 24.92
C HIS A 93 -17.71 21.90 23.76
N THR A 94 -16.60 21.26 23.33
CA THR A 94 -16.69 20.34 22.21
C THR A 94 -16.11 18.96 22.44
N ILE A 95 -16.74 17.96 21.80
CA ILE A 95 -16.28 16.58 21.80
C ILE A 95 -16.14 16.13 20.38
N GLN A 96 -14.95 15.70 20.03
CA GLN A 96 -14.66 15.31 18.66
C GLN A 96 -14.30 13.86 18.80
N VAL A 97 -14.54 13.07 17.75
CA VAL A 97 -14.22 11.69 17.76
C VAL A 97 -14.00 11.30 16.32
N ILE A 98 -13.09 10.33 16.15
CA ILE A 98 -12.84 9.81 14.86
C ILE A 98 -12.67 8.36 15.04
N SER A 99 -13.52 7.56 14.37
CA SER A 99 -13.44 6.12 14.47
C SER A 99 -13.53 5.63 13.05
N GLY A 100 -12.98 4.45 12.78
CA GLY A 100 -13.00 3.87 11.47
C GLY A 100 -12.04 2.67 11.33
N CYS A 101 -11.83 2.22 10.10
CA CYS A 101 -10.93 1.11 9.87
C CYS A 101 -10.26 1.22 8.53
N GLU A 102 -9.01 0.74 8.44
CA GLU A 102 -8.24 0.75 7.20
C GLU A 102 -8.14 -0.69 6.80
N VAL A 103 -7.88 -0.96 5.52
CA VAL A 103 -7.70 -2.32 5.05
C VAL A 103 -6.62 -2.38 3.99
N GLY A 104 -6.26 -3.59 3.58
CA GLY A 104 -5.28 -3.81 2.53
C GLY A 104 -6.05 -4.06 1.25
N SER A 105 -5.36 -4.35 0.15
CA SER A 105 -6.05 -4.57 -1.11
C SER A 105 -6.76 -5.92 -1.13
N ASP A 106 -6.32 -6.82 -0.26
CA ASP A 106 -6.93 -8.13 -0.15
C ASP A 106 -8.32 -8.01 0.48
N GLY A 107 -8.64 -6.80 0.95
CA GLY A 107 -9.92 -6.59 1.57
C GLY A 107 -9.90 -6.89 3.06
N ARG A 108 -8.73 -7.31 3.53
CA ARG A 108 -8.56 -7.66 4.94
C ARG A 108 -8.24 -6.45 5.84
N LEU A 109 -8.38 -6.62 7.14
CA LEU A 109 -8.16 -5.51 8.08
C LEU A 109 -6.72 -5.13 8.23
N LEU A 110 -6.44 -3.84 8.30
CA LEU A 110 -5.08 -3.36 8.45
C LEU A 110 -4.97 -2.63 9.77
N ARG A 111 -5.89 -1.72 10.00
CA ARG A 111 -5.80 -0.93 11.22
C ARG A 111 -7.17 -0.44 11.66
N GLY A 112 -7.36 -0.34 12.96
CA GLY A 112 -8.65 0.10 13.43
C GLY A 112 -8.47 1.22 14.43
N TYR A 113 -9.32 2.21 14.39
CA TYR A 113 -9.09 3.26 15.34
C TYR A 113 -10.37 3.86 15.85
N GLN A 114 -10.21 4.61 16.93
CA GLN A 114 -11.28 5.35 17.51
C GLN A 114 -10.66 6.21 18.58
N GLN A 115 -10.76 7.53 18.44
CA GLN A 115 -10.21 8.37 19.48
C GLN A 115 -11.06 9.61 19.75
N TYR A 116 -11.21 9.90 21.03
CA TYR A 116 -11.99 11.04 21.44
C TYR A 116 -11.05 12.17 21.77
N ALA A 117 -11.59 13.37 21.77
CA ALA A 117 -10.90 14.59 22.18
C ALA A 117 -11.95 15.45 22.89
N TYR A 118 -11.57 16.60 23.43
CA TYR A 118 -12.56 17.40 24.13
C TYR A 118 -12.02 18.79 24.12
N ASP A 119 -12.80 19.71 23.61
CA ASP A 119 -12.33 21.09 23.47
C ASP A 119 -10.94 21.07 22.91
N GLY A 120 -10.82 20.45 21.74
CA GLY A 120 -9.57 20.47 20.99
C GLY A 120 -8.38 19.68 21.51
N CYS A 121 -8.44 19.12 22.71
CA CYS A 121 -7.31 18.38 23.23
C CYS A 121 -7.60 16.90 23.49
N ASP A 122 -6.57 16.08 23.31
CA ASP A 122 -6.66 14.62 23.48
C ASP A 122 -7.40 14.19 24.72
N TYR A 123 -8.33 13.25 24.57
CA TYR A 123 -9.08 12.73 25.72
C TYR A 123 -8.77 11.26 25.99
N ILE A 124 -9.18 10.42 25.07
CA ILE A 124 -8.97 8.99 25.22
C ILE A 124 -8.93 8.38 23.84
N ALA A 125 -8.24 7.25 23.76
CA ALA A 125 -8.05 6.63 22.47
C ALA A 125 -7.79 5.12 22.63
N LEU A 126 -8.28 4.31 21.70
CA LEU A 126 -8.08 2.86 21.75
C LEU A 126 -6.72 2.49 21.18
N ASN A 127 -5.87 1.86 21.98
CA ASN A 127 -4.58 1.45 21.50
C ASN A 127 -4.76 0.56 20.31
N GLU A 128 -3.65 0.28 19.60
CA GLU A 128 -3.62 -0.50 18.36
C GLU A 128 -3.94 -1.96 18.60
N ASP A 129 -3.75 -2.46 19.81
CA ASP A 129 -4.06 -3.85 20.10
C ASP A 129 -5.55 -4.06 20.12
N LEU A 130 -6.31 -2.98 20.09
CA LEU A 130 -7.74 -3.06 20.11
C LEU A 130 -8.24 -3.75 21.40
N LYS A 131 -7.48 -3.65 22.46
CA LYS A 131 -7.90 -4.25 23.72
C LYS A 131 -7.75 -3.27 24.87
N THR A 132 -6.71 -2.43 24.85
CA THR A 132 -6.50 -1.48 25.95
C THR A 132 -6.74 -0.01 25.63
N TRP A 133 -6.81 0.87 26.62
CA TRP A 133 -7.06 2.29 26.36
C TRP A 133 -5.91 3.16 26.80
N THR A 134 -5.70 4.29 26.13
CA THR A 134 -4.71 5.28 26.56
C THR A 134 -5.46 6.55 26.85
N ALA A 135 -5.50 6.93 28.13
CA ALA A 135 -6.21 8.12 28.59
C ALA A 135 -5.29 9.31 28.68
N ALA A 136 -5.73 10.46 28.25
CA ALA A 136 -4.87 11.66 28.29
C ALA A 136 -4.71 12.24 29.69
N ASP A 137 -5.77 12.79 30.28
CA ASP A 137 -5.71 13.33 31.62
C ASP A 137 -6.53 12.39 32.48
N MET A 138 -6.43 12.55 33.80
CA MET A 138 -7.13 11.70 34.74
C MET A 138 -8.65 11.73 34.64
N ALA A 139 -9.21 12.71 33.95
CA ALA A 139 -10.63 12.75 33.81
C ALA A 139 -10.95 11.60 32.90
N ALA A 140 -10.24 11.57 31.78
CA ALA A 140 -10.40 10.51 30.78
C ALA A 140 -9.98 9.20 31.41
N LEU A 141 -9.34 9.28 32.55
CA LEU A 141 -8.86 8.09 33.22
C LEU A 141 -10.02 7.30 33.81
N ILE A 142 -11.11 8.01 34.07
CA ILE A 142 -12.35 7.48 34.64
C ILE A 142 -13.18 6.76 33.61
N THR A 143 -13.36 7.40 32.47
CA THR A 143 -14.06 6.81 31.36
C THR A 143 -13.33 5.58 31.00
N LYS A 144 -12.02 5.59 31.19
CA LYS A 144 -11.23 4.40 30.89
C LYS A 144 -11.71 3.22 31.74
N HIS A 145 -12.00 3.44 33.00
CA HIS A 145 -12.46 2.31 33.81
C HIS A 145 -13.87 1.90 33.50
N LYS A 146 -14.72 2.87 33.22
CA LYS A 146 -16.10 2.54 32.92
C LYS A 146 -16.13 1.50 31.80
N TRP A 147 -15.36 1.78 30.77
CA TRP A 147 -15.27 0.92 29.62
C TRP A 147 -14.53 -0.39 29.91
N GLU A 148 -13.53 -0.37 30.78
CA GLU A 148 -12.81 -1.62 31.07
C GLU A 148 -13.79 -2.54 31.72
N GLN A 149 -14.59 -1.98 32.61
CA GLN A 149 -15.54 -2.73 33.40
C GLN A 149 -16.72 -3.15 32.59
N ALA A 150 -16.96 -2.47 31.47
CA ALA A 150 -18.10 -2.86 30.62
C ALA A 150 -17.67 -3.54 29.34
N GLY A 151 -16.40 -3.92 29.29
CA GLY A 151 -15.88 -4.61 28.10
C GLY A 151 -16.10 -3.82 26.81
N GLU A 152 -16.17 -2.49 26.90
CA GLU A 152 -16.43 -1.67 25.75
C GLU A 152 -15.40 -1.90 24.69
N ALA A 153 -14.18 -2.25 25.09
CA ALA A 153 -13.05 -2.47 24.17
C ALA A 153 -13.28 -3.65 23.24
N GLU A 154 -13.74 -4.74 23.81
CA GLU A 154 -14.01 -5.88 22.97
C GLU A 154 -15.32 -5.67 22.22
N ARG A 155 -16.14 -4.77 22.74
CA ARG A 155 -17.40 -4.47 22.07
C ARG A 155 -17.08 -3.76 20.79
N LEU A 156 -16.11 -2.84 20.90
CA LEU A 156 -15.66 -2.03 19.75
C LEU A 156 -14.95 -2.89 18.73
N ARG A 157 -14.06 -3.74 19.23
CA ARG A 157 -13.25 -4.61 18.36
C ARG A 157 -14.14 -5.46 17.50
N ALA A 158 -15.24 -5.90 18.08
CA ALA A 158 -16.17 -6.69 17.31
C ALA A 158 -16.64 -5.84 16.18
N TYR A 159 -16.84 -4.55 16.46
CA TYR A 159 -17.31 -3.60 15.44
C TYR A 159 -16.25 -3.27 14.40
N LEU A 160 -15.05 -2.98 14.84
CA LEU A 160 -14.02 -2.69 13.88
C LEU A 160 -13.75 -3.90 12.98
N GLU A 161 -13.47 -5.05 13.56
CA GLU A 161 -13.15 -6.24 12.74
C GLU A 161 -14.32 -6.77 11.95
N GLY A 162 -15.52 -6.39 12.34
CA GLY A 162 -16.70 -6.89 11.68
C GLY A 162 -17.41 -5.87 10.81
N THR A 163 -18.45 -5.26 11.39
CA THR A 163 -19.26 -4.33 10.65
C THR A 163 -18.51 -3.28 9.91
N CYS A 164 -17.37 -2.83 10.45
CA CYS A 164 -16.64 -1.73 9.85
C CYS A 164 -15.97 -2.15 8.59
N VAL A 165 -15.13 -3.20 8.66
CA VAL A 165 -14.39 -3.69 7.49
C VAL A 165 -15.34 -4.24 6.43
N GLU A 166 -16.49 -4.69 6.84
CA GLU A 166 -17.41 -5.26 5.89
C GLU A 166 -18.11 -4.22 5.04
N TRP A 167 -18.72 -3.21 5.64
CA TRP A 167 -19.37 -2.20 4.85
C TRP A 167 -18.33 -1.43 4.05
N LEU A 168 -17.10 -1.41 4.53
CA LEU A 168 -16.08 -0.72 3.78
C LEU A 168 -16.06 -1.39 2.38
N ARG A 169 -15.99 -2.70 2.38
CA ARG A 169 -15.99 -3.41 1.10
C ARG A 169 -17.25 -3.14 0.30
N ARG A 170 -18.39 -3.19 0.96
CA ARG A 170 -19.63 -2.91 0.26
C ARG A 170 -19.51 -1.56 -0.44
N TYR A 171 -19.23 -0.53 0.34
CA TYR A 171 -19.07 0.80 -0.23
C TYR A 171 -18.12 0.77 -1.42
N LEU A 172 -16.91 0.28 -1.15
CA LEU A 172 -15.86 0.16 -2.16
C LEU A 172 -16.33 -0.54 -3.39
N LYS A 173 -17.46 -1.22 -3.32
CA LYS A 173 -17.93 -1.91 -4.47
C LYS A 173 -19.08 -1.16 -5.13
N ASN A 174 -19.94 -0.56 -4.32
CA ASN A 174 -21.05 0.20 -4.86
C ASN A 174 -20.58 1.29 -5.78
N GLY A 175 -19.51 1.96 -5.34
CA GLY A 175 -18.98 3.05 -6.12
C GLY A 175 -17.49 2.95 -6.40
N ASN A 176 -17.05 1.79 -6.83
CA ASN A 176 -15.65 1.64 -7.13
C ASN A 176 -15.28 2.54 -8.27
N ALA A 177 -16.23 2.76 -9.18
CA ALA A 177 -15.99 3.62 -10.33
C ALA A 177 -15.63 5.07 -9.92
N THR A 178 -15.92 5.39 -8.67
CA THR A 178 -15.68 6.73 -8.18
C THR A 178 -14.56 6.70 -7.16
N LEU A 179 -14.48 5.62 -6.41
CA LEU A 179 -13.48 5.56 -5.35
C LEU A 179 -12.17 4.91 -5.79
N LEU A 180 -12.22 4.05 -6.78
CA LEU A 180 -11.00 3.42 -7.20
C LEU A 180 -10.42 4.05 -8.47
N ARG A 181 -10.81 5.29 -8.71
CA ARG A 181 -10.34 6.04 -9.84
C ARG A 181 -9.07 6.80 -9.50
N THR A 182 -8.43 7.34 -10.51
CA THR A 182 -7.18 8.05 -10.32
C THR A 182 -7.18 9.19 -11.31
N ASP A 183 -7.30 10.42 -10.85
CA ASP A 183 -7.25 11.54 -11.75
C ASP A 183 -5.87 12.15 -11.67
N SER A 184 -5.18 12.27 -12.81
CA SER A 184 -3.81 12.78 -12.84
C SER A 184 -3.74 14.28 -12.66
N PRO A 185 -2.72 14.73 -11.93
CA PRO A 185 -2.51 16.16 -11.72
C PRO A 185 -1.89 16.90 -12.90
N LYS A 186 -2.62 17.91 -13.37
CA LYS A 186 -2.19 18.83 -14.40
C LYS A 186 -1.46 19.94 -13.65
N ALA A 187 -0.29 20.36 -14.14
CA ALA A 187 0.52 21.37 -13.42
C ALA A 187 0.98 22.58 -14.21
N HIS A 188 1.53 23.55 -13.50
CA HIS A 188 2.09 24.75 -14.09
C HIS A 188 2.75 25.63 -13.03
N VAL A 189 3.54 26.60 -13.49
CA VAL A 189 4.25 27.50 -12.57
C VAL A 189 3.88 28.96 -12.77
N THR A 190 3.78 29.70 -11.68
CA THR A 190 3.48 31.11 -11.81
C THR A 190 4.68 31.83 -11.30
N HIS A 191 4.81 33.10 -11.73
CA HIS A 191 5.98 33.98 -11.47
C HIS A 191 5.47 35.33 -10.93
N HIS A 192 6.12 35.79 -9.86
CA HIS A 192 5.80 37.06 -9.21
C HIS A 192 7.03 37.85 -8.81
N SER A 193 7.09 39.10 -9.26
CA SER A 193 8.20 39.97 -8.92
C SER A 193 8.26 40.25 -7.41
N ARG A 194 9.39 40.78 -6.98
CA ARG A 194 9.57 41.03 -5.56
C ARG A 194 10.65 42.11 -5.34
N PRO A 195 10.65 42.70 -4.16
CA PRO A 195 11.67 43.66 -3.73
C PRO A 195 13.07 43.09 -3.73
N GLU A 196 14.04 43.96 -3.93
CA GLU A 196 15.42 43.52 -3.89
C GLU A 196 15.75 42.46 -4.93
N ASP A 197 15.25 42.63 -6.15
CA ASP A 197 15.57 41.72 -7.25
C ASP A 197 15.42 40.25 -6.90
N LYS A 198 14.32 39.93 -6.23
CA LYS A 198 14.00 38.57 -5.81
C LYS A 198 12.76 38.11 -6.63
N VAL A 199 12.47 36.83 -6.65
CA VAL A 199 11.33 36.36 -7.43
C VAL A 199 10.71 35.13 -6.82
N THR A 200 9.39 35.14 -6.70
CA THR A 200 8.63 34.04 -6.13
C THR A 200 8.05 33.19 -7.24
N LEU A 201 8.48 31.92 -7.28
CA LEU A 201 7.98 30.95 -8.26
C LEU A 201 7.05 29.99 -7.60
N ARG A 202 5.83 29.86 -8.14
CA ARG A 202 4.84 28.99 -7.52
C ARG A 202 4.50 27.83 -8.46
N CYS A 203 4.38 26.62 -7.92
CA CYS A 203 4.07 25.47 -8.75
C CYS A 203 2.69 24.91 -8.37
N TRP A 204 1.75 24.95 -9.31
CA TRP A 204 0.37 24.56 -9.05
C TRP A 204 0.14 23.20 -9.60
N ALA A 205 -0.62 22.36 -8.89
CA ALA A 205 -0.99 21.01 -9.34
C ALA A 205 -2.50 20.94 -9.19
N LEU A 206 -3.26 20.64 -10.28
CA LEU A 206 -4.71 20.70 -10.21
C LEU A 206 -5.42 19.40 -10.68
N GLY A 207 -6.75 19.35 -10.41
CA GLY A 207 -7.62 18.29 -10.78
C GLY A 207 -7.15 16.90 -10.53
N PHE A 208 -6.50 16.64 -9.40
CA PHE A 208 -6.03 15.26 -9.16
C PHE A 208 -6.84 14.55 -8.14
N TYR A 209 -6.86 13.22 -8.09
CA TYR A 209 -7.65 12.53 -7.01
C TYR A 209 -7.09 11.18 -6.87
N PRO A 210 -6.49 10.56 -5.89
CA PRO A 210 -6.34 10.70 -4.45
C PRO A 210 -5.63 11.94 -4.09
N ALA A 211 -5.98 12.44 -2.93
CA ALA A 211 -5.47 13.66 -2.39
C ALA A 211 -3.97 13.59 -2.17
N ASP A 212 -3.41 12.40 -2.11
CA ASP A 212 -2.00 12.28 -1.85
C ASP A 212 -1.08 12.59 -3.05
N ILE A 213 -0.29 13.65 -2.88
CA ILE A 213 0.60 14.15 -3.91
C ILE A 213 1.82 14.84 -3.26
N THR A 214 2.95 14.86 -3.95
CA THR A 214 4.15 15.52 -3.42
C THR A 214 4.62 16.59 -4.40
N LEU A 215 5.07 17.72 -3.87
CA LEU A 215 5.61 18.79 -4.70
C LEU A 215 6.93 19.24 -4.14
N THR A 216 7.95 19.33 -4.97
CA THR A 216 9.24 19.87 -4.51
C THR A 216 9.87 20.75 -5.55
N TRP A 217 10.73 21.67 -5.08
CA TRP A 217 11.50 22.57 -5.94
C TRP A 217 12.97 22.14 -5.90
N GLN A 218 13.57 21.99 -7.07
CA GLN A 218 14.94 21.56 -7.14
C GLN A 218 15.90 22.50 -7.88
N LEU A 219 17.13 22.57 -7.38
CA LEU A 219 18.21 23.35 -7.97
C LEU A 219 19.42 22.46 -8.15
N ASN A 220 19.80 22.24 -9.39
CA ASN A 220 20.94 21.38 -9.66
C ASN A 220 20.85 20.00 -8.97
N GLY A 221 19.64 19.45 -8.82
CA GLY A 221 19.54 18.13 -8.21
C GLY A 221 19.32 18.04 -6.71
N GLU A 222 19.25 19.17 -6.01
CA GLU A 222 18.99 19.13 -4.58
C GLU A 222 17.67 19.85 -4.27
N GLU A 223 16.80 19.20 -3.52
CA GLU A 223 15.50 19.76 -3.16
C GLU A 223 15.65 20.82 -2.06
N LEU A 224 15.17 22.03 -2.34
CA LEU A 224 15.22 23.14 -1.39
C LEU A 224 14.04 23.10 -0.44
N ILE A 225 13.67 21.90 0.01
CA ILE A 225 12.52 21.73 0.90
C ILE A 225 12.40 22.77 2.03
N GLN A 226 13.53 23.27 2.53
CA GLN A 226 13.54 24.18 3.70
C GLN A 226 13.24 25.63 3.40
N ASP A 227 13.65 26.07 2.22
CA ASP A 227 13.45 27.46 1.83
C ASP A 227 12.33 27.45 0.80
N MET A 228 11.22 26.80 1.17
CA MET A 228 10.12 26.59 0.27
C MET A 228 8.87 26.95 1.02
N GLU A 229 7.71 26.90 0.36
CA GLU A 229 6.45 27.19 1.01
C GLU A 229 5.28 26.58 0.23
N LEU A 230 4.36 25.91 0.96
CA LEU A 230 3.20 25.18 0.40
C LEU A 230 1.92 25.25 1.24
N VAL A 231 0.82 24.69 0.75
CA VAL A 231 -0.44 24.73 1.48
C VAL A 231 -1.03 23.35 1.59
N GLU A 232 -1.51 22.98 2.76
CA GLU A 232 -2.08 21.66 2.89
C GLU A 232 -3.01 21.38 1.72
N THR A 233 -2.79 20.27 1.04
CA THR A 233 -3.63 19.85 -0.06
C THR A 233 -5.07 20.18 0.21
N ARG A 234 -5.85 20.51 -0.82
CA ARG A 234 -7.24 20.94 -0.58
C ARG A 234 -8.29 20.45 -1.58
N PRO A 235 -9.53 20.35 -1.15
CA PRO A 235 -10.63 19.95 -2.03
C PRO A 235 -10.99 21.08 -2.98
N ALA A 236 -11.32 20.78 -4.22
CA ALA A 236 -11.63 21.83 -5.19
C ALA A 236 -13.10 21.86 -5.50
N GLY A 237 -13.92 21.24 -4.66
CA GLY A 237 -15.37 21.34 -4.81
C GLY A 237 -16.08 20.41 -5.80
N ASP A 238 -15.35 19.51 -6.48
CA ASP A 238 -15.96 18.57 -7.40
C ASP A 238 -15.48 17.15 -7.14
N GLY A 239 -14.83 16.90 -6.00
CA GLY A 239 -14.27 15.59 -5.71
C GLY A 239 -12.80 15.37 -6.10
N THR A 240 -12.09 16.43 -6.51
CA THR A 240 -10.66 16.32 -6.75
C THR A 240 -9.90 17.31 -5.87
N PHE A 241 -8.58 17.19 -5.81
CA PHE A 241 -7.76 18.06 -4.98
C PHE A 241 -6.74 18.89 -5.72
N GLN A 242 -6.06 19.77 -4.98
CA GLN A 242 -5.01 20.64 -5.54
C GLN A 242 -4.07 21.12 -4.47
N LYS A 243 -2.88 21.51 -4.92
CA LYS A 243 -1.79 21.94 -4.05
C LYS A 243 -0.83 22.88 -4.78
N TRP A 244 -0.16 23.74 -4.03
CA TRP A 244 0.82 24.63 -4.59
C TRP A 244 2.03 24.75 -3.67
N ALA A 245 3.21 24.88 -4.25
CA ALA A 245 4.41 25.06 -3.47
C ALA A 245 5.24 26.13 -4.17
N SER A 246 5.76 27.08 -3.39
CA SER A 246 6.52 28.16 -4.03
C SER A 246 7.92 28.24 -3.46
N VAL A 247 8.75 29.05 -4.09
CA VAL A 247 10.12 29.19 -3.65
C VAL A 247 10.66 30.54 -4.15
N VAL A 248 11.44 31.22 -3.33
CA VAL A 248 12.00 32.49 -3.78
C VAL A 248 13.42 32.28 -4.39
N VAL A 249 13.61 32.74 -5.63
CA VAL A 249 14.86 32.55 -6.31
C VAL A 249 15.29 33.89 -6.85
N PRO A 250 16.60 34.05 -7.10
CA PRO A 250 17.17 35.32 -7.58
C PRO A 250 16.68 35.65 -8.98
N LEU A 251 16.49 36.94 -9.26
CA LEU A 251 15.96 37.39 -10.54
C LEU A 251 16.88 36.98 -11.68
N GLY A 252 16.30 36.59 -12.81
CA GLY A 252 17.08 36.22 -13.98
C GLY A 252 17.67 34.81 -13.94
N LYS A 253 17.65 34.22 -12.73
CA LYS A 253 18.18 32.88 -12.50
C LYS A 253 17.11 31.88 -12.11
N GLU A 254 15.97 31.91 -12.77
CA GLU A 254 14.90 31.01 -12.37
C GLU A 254 14.78 29.75 -13.18
N GLN A 255 15.28 29.77 -14.40
CA GLN A 255 15.21 28.57 -15.21
C GLN A 255 16.17 27.50 -14.71
N TYR A 256 16.91 27.83 -13.66
CA TYR A 256 17.80 26.89 -13.01
C TYR A 256 17.04 26.12 -11.94
N TYR A 257 15.75 26.45 -11.77
CA TYR A 257 14.90 25.81 -10.78
C TYR A 257 13.75 25.02 -11.42
N THR A 258 13.49 23.81 -10.91
CA THR A 258 12.39 22.95 -11.43
C THR A 258 11.41 22.48 -10.36
N CYS A 259 10.20 22.13 -10.80
CA CYS A 259 9.19 21.63 -9.88
C CYS A 259 9.03 20.14 -10.11
N HIS A 260 8.79 19.39 -9.03
CA HIS A 260 8.63 17.95 -9.16
C HIS A 260 7.32 17.48 -8.55
N VAL A 261 6.47 16.87 -9.37
CA VAL A 261 5.17 16.42 -8.85
C VAL A 261 5.08 14.91 -8.75
N TYR A 262 4.87 14.40 -7.55
CA TYR A 262 4.79 12.95 -7.31
C TYR A 262 3.37 12.51 -6.99
N HIS A 263 2.72 11.80 -7.93
CA HIS A 263 1.34 11.35 -7.73
C HIS A 263 1.04 9.98 -8.25
N GLN A 264 -0.01 9.39 -7.69
CA GLN A 264 -0.47 8.07 -8.13
C GLN A 264 -0.77 7.99 -9.63
N GLY A 265 -1.30 9.03 -10.23
CA GLY A 265 -1.64 9.00 -11.62
C GLY A 265 -0.48 9.45 -12.47
N LEU A 266 0.70 9.56 -11.87
CA LEU A 266 1.88 9.92 -12.66
C LEU A 266 2.91 8.81 -12.72
N PRO A 267 2.89 8.02 -13.80
CA PRO A 267 3.87 6.95 -13.92
C PRO A 267 5.24 7.58 -13.79
N GLU A 268 5.39 8.78 -14.34
CA GLU A 268 6.66 9.51 -14.30
C GLU A 268 6.51 10.87 -13.63
N PRO A 269 7.16 11.06 -12.49
CA PRO A 269 7.02 12.32 -11.76
C PRO A 269 7.06 13.48 -12.72
N LEU A 270 6.15 14.41 -12.55
CA LEU A 270 6.13 15.59 -13.39
C LEU A 270 7.34 16.47 -13.12
N THR A 271 7.87 17.12 -14.15
CA THR A 271 8.98 18.05 -13.96
C THR A 271 8.74 19.34 -14.72
N LEU A 272 8.51 20.44 -14.04
CA LEU A 272 8.35 21.67 -14.78
C LEU A 272 9.14 22.88 -14.25
N ARG A 273 9.33 23.86 -15.13
CA ARG A 273 10.02 25.10 -14.80
C ARG A 273 9.19 26.25 -15.38
N TRP A 274 9.63 27.51 -15.20
CA TRP A 274 8.84 28.63 -15.69
C TRP A 274 8.80 28.81 -17.19
N GLU A 275 7.71 29.38 -17.69
CA GLU A 275 7.50 29.66 -19.12
C GLU A 275 7.36 31.19 -19.33
N PRO A 276 8.49 31.88 -19.48
CA PRO A 276 8.50 33.34 -19.56
C PRO A 276 7.25 33.93 -20.21
N ILE B 1 -8.81 25.87 24.18
CA ILE B 1 -7.76 26.38 23.22
C ILE B 1 -8.36 27.12 22.03
N GLN B 2 -7.62 28.05 21.43
CA GLN B 2 -8.15 28.76 20.28
C GLN B 2 -7.18 28.86 19.12
N LYS B 3 -7.70 28.66 17.92
CA LYS B 3 -6.93 28.72 16.71
C LYS B 3 -7.67 29.49 15.64
N THR B 4 -6.99 30.46 15.04
CA THR B 4 -7.55 31.32 14.01
C THR B 4 -7.60 30.59 12.69
N PRO B 5 -8.67 30.77 11.94
CA PRO B 5 -8.82 30.06 10.68
C PRO B 5 -7.77 30.45 9.72
N GLN B 6 -7.71 29.79 8.58
CA GLN B 6 -6.76 30.11 7.53
C GLN B 6 -7.62 30.07 6.33
N ILE B 7 -8.11 31.23 5.90
CA ILE B 7 -8.99 31.31 4.74
C ILE B 7 -8.32 31.29 3.40
N GLN B 8 -8.32 30.18 2.70
CA GLN B 8 -7.74 30.15 1.39
C GLN B 8 -8.85 30.29 0.34
N VAL B 9 -8.67 31.06 -0.73
CA VAL B 9 -9.71 31.11 -1.77
C VAL B 9 -9.15 30.68 -3.13
N TYR B 10 -9.91 29.93 -3.93
CA TYR B 10 -9.39 29.49 -5.22
C TYR B 10 -10.40 28.81 -6.11
N SER B 11 -10.08 28.63 -7.40
CA SER B 11 -11.01 27.99 -8.33
C SER B 11 -10.58 26.59 -8.71
N ARG B 12 -11.46 25.91 -9.39
CA ARG B 12 -11.18 24.54 -9.81
C ARG B 12 -10.25 24.55 -11.00
N HIS B 13 -10.50 25.42 -11.96
CA HIS B 13 -9.67 25.53 -13.16
C HIS B 13 -9.07 26.90 -13.26
N PRO B 14 -7.93 27.07 -13.94
CA PRO B 14 -7.33 28.40 -14.03
C PRO B 14 -8.39 29.19 -14.73
N PRO B 15 -8.67 30.36 -14.21
CA PRO B 15 -9.78 31.23 -14.65
C PRO B 15 -9.71 31.72 -16.06
N GLU B 16 -10.81 31.61 -16.80
CA GLU B 16 -10.83 32.15 -18.14
C GLU B 16 -12.20 32.81 -18.37
N ASN B 17 -12.22 34.09 -18.68
CA ASN B 17 -13.50 34.81 -18.75
C ASN B 17 -14.50 34.08 -19.61
N GLY B 18 -15.74 34.06 -19.18
CA GLY B 18 -16.81 33.40 -19.93
C GLY B 18 -16.86 31.87 -19.94
N LYS B 19 -16.06 31.23 -19.09
CA LYS B 19 -15.97 29.78 -18.98
C LYS B 19 -16.33 29.34 -17.55
N PRO B 20 -17.36 28.53 -17.41
CA PRO B 20 -17.82 28.09 -16.11
C PRO B 20 -16.72 27.40 -15.34
N ASN B 21 -16.78 27.58 -14.03
CA ASN B 21 -15.77 27.12 -13.08
C ASN B 21 -16.45 26.88 -11.75
N ILE B 22 -15.65 26.68 -10.71
CA ILE B 22 -16.18 26.56 -9.35
C ILE B 22 -15.28 27.43 -8.53
N LEU B 23 -15.85 28.16 -7.58
CA LEU B 23 -15.04 29.03 -6.70
C LEU B 23 -14.97 28.30 -5.39
N ASN B 24 -13.81 28.31 -4.74
CA ASN B 24 -13.69 27.60 -3.46
C ASN B 24 -13.18 28.45 -2.32
N CYS B 25 -13.75 28.31 -1.15
CA CYS B 25 -13.22 29.02 0.02
C CYS B 25 -12.95 27.99 1.06
N TYR B 26 -11.72 27.54 1.19
CA TYR B 26 -11.41 26.50 2.17
C TYR B 26 -11.08 27.25 3.43
N VAL B 27 -11.74 26.92 4.55
CA VAL B 27 -11.51 27.55 5.85
C VAL B 27 -10.92 26.47 6.70
N THR B 28 -9.67 26.61 7.14
CA THR B 28 -9.03 25.55 7.95
C THR B 28 -8.29 25.93 9.24
N GLN B 29 -7.96 24.90 10.00
CA GLN B 29 -7.26 25.08 11.25
C GLN B 29 -7.98 25.91 12.29
N PHE B 30 -9.27 25.76 12.47
CA PHE B 30 -9.96 26.60 13.45
C PHE B 30 -10.61 25.83 14.58
N HIS B 31 -10.72 26.49 15.74
CA HIS B 31 -11.29 25.98 16.98
C HIS B 31 -11.70 27.18 17.85
N PRO B 32 -12.88 27.24 18.44
CA PRO B 32 -13.93 26.23 18.42
C PRO B 32 -14.52 26.12 17.01
N PRO B 33 -15.35 25.12 16.80
CA PRO B 33 -15.94 24.82 15.49
C PRO B 33 -16.94 25.85 14.99
N HIS B 34 -17.48 26.68 15.88
CA HIS B 34 -18.50 27.65 15.45
C HIS B 34 -17.87 28.71 14.59
N ILE B 35 -18.25 28.76 13.32
CA ILE B 35 -17.72 29.75 12.42
C ILE B 35 -18.75 30.11 11.37
N GLU B 36 -18.69 31.34 10.89
CA GLU B 36 -19.65 31.72 9.86
C GLU B 36 -18.95 32.10 8.57
N ILE B 37 -19.35 31.52 7.41
CA ILE B 37 -18.69 31.78 6.12
C ILE B 37 -19.56 32.23 4.93
N GLN B 38 -19.33 33.40 4.37
CA GLN B 38 -20.09 33.83 3.19
C GLN B 38 -19.21 34.05 2.00
N MET B 39 -19.76 33.86 0.81
CA MET B 39 -18.98 34.09 -0.41
C MET B 39 -19.57 35.33 -1.04
N LEU B 40 -18.71 36.24 -1.48
CA LEU B 40 -19.19 37.49 -1.99
C LEU B 40 -18.79 37.67 -3.41
N LYS B 41 -19.70 38.30 -4.14
CA LYS B 41 -19.49 38.60 -5.52
C LYS B 41 -19.80 40.09 -5.63
N ASN B 42 -18.79 40.85 -5.97
CA ASN B 42 -18.99 42.26 -6.07
C ASN B 42 -19.52 42.79 -4.82
N GLY B 43 -18.97 42.32 -3.69
CA GLY B 43 -19.39 42.76 -2.38
C GLY B 43 -20.73 42.18 -1.96
N LYS B 44 -21.41 41.57 -2.92
CA LYS B 44 -22.71 40.96 -2.62
C LYS B 44 -22.54 39.50 -2.22
N LYS B 45 -23.42 38.99 -1.38
CA LYS B 45 -23.27 37.61 -0.93
C LYS B 45 -23.86 36.64 -1.93
N ILE B 46 -23.24 35.50 -2.16
CA ILE B 46 -23.76 34.57 -3.14
C ILE B 46 -24.65 33.58 -2.45
N PRO B 47 -25.85 33.39 -3.01
CA PRO B 47 -26.87 32.49 -2.41
C PRO B 47 -26.59 30.97 -2.58
N LYS B 48 -26.38 30.53 -3.80
CA LYS B 48 -26.12 29.13 -4.04
C LYS B 48 -24.71 28.72 -3.56
N VAL B 49 -24.54 28.55 -2.25
CA VAL B 49 -23.23 28.13 -1.78
C VAL B 49 -23.37 26.87 -1.01
N GLU B 50 -22.46 25.90 -1.27
CA GLU B 50 -22.51 24.57 -0.68
C GLU B 50 -21.46 24.45 0.38
N MET B 51 -21.77 23.78 1.47
CA MET B 51 -20.75 23.54 2.47
C MET B 51 -20.43 22.06 2.46
N SER B 52 -19.15 21.69 2.53
CA SER B 52 -18.83 20.29 2.51
C SER B 52 -17.46 19.91 2.94
N ASP B 53 -17.16 18.63 2.91
CA ASP B 53 -15.82 18.15 3.21
C ASP B 53 -15.26 18.54 4.53
N MET B 54 -16.08 18.50 5.58
CA MET B 54 -15.64 18.87 6.92
C MET B 54 -14.72 17.81 7.40
N SER B 55 -13.81 18.17 8.31
CA SER B 55 -12.91 17.14 8.90
C SER B 55 -12.04 17.70 9.99
N PHE B 56 -11.27 16.88 10.68
CA PHE B 56 -10.39 17.41 11.71
C PHE B 56 -8.97 16.98 11.34
N SER B 57 -7.98 17.40 12.13
CA SER B 57 -6.63 16.95 11.87
C SER B 57 -6.15 16.14 13.02
N LYS B 58 -4.90 15.70 13.03
CA LYS B 58 -4.45 14.91 14.17
C LYS B 58 -4.42 15.84 15.36
N ASP B 59 -4.44 17.10 14.98
CA ASP B 59 -4.37 18.26 15.81
C ASP B 59 -5.74 18.64 16.38
N TRP B 60 -6.82 18.07 15.85
CA TRP B 60 -8.18 18.34 16.31
C TRP B 60 -8.76 19.66 15.83
N SER B 61 -8.08 20.39 14.95
CA SER B 61 -8.65 21.65 14.44
C SER B 61 -9.63 21.42 13.25
N PHE B 62 -10.67 22.24 13.17
CA PHE B 62 -11.68 21.97 12.11
C PHE B 62 -11.27 22.41 10.74
N TYR B 63 -11.76 21.76 9.71
CA TYR B 63 -11.52 22.19 8.32
C TYR B 63 -12.86 22.07 7.64
N ILE B 64 -13.29 23.12 6.95
CA ILE B 64 -14.53 23.00 6.17
C ILE B 64 -14.40 23.80 4.87
N LEU B 65 -15.02 23.30 3.80
CA LEU B 65 -14.97 23.91 2.47
C LEU B 65 -16.34 24.48 2.07
N ALA B 66 -16.29 25.58 1.33
CA ALA B 66 -17.54 26.18 0.79
C ALA B 66 -17.24 26.41 -0.66
N HIS B 67 -18.04 25.89 -1.56
CA HIS B 67 -17.77 26.15 -2.96
C HIS B 67 -19.01 26.65 -3.68
N THR B 68 -18.86 27.04 -4.93
CA THR B 68 -20.02 27.44 -5.69
C THR B 68 -19.76 27.54 -7.18
N GLU B 69 -20.76 27.29 -8.03
CA GLU B 69 -20.52 27.42 -9.46
C GLU B 69 -20.47 28.89 -9.84
N PHE B 70 -19.71 29.22 -10.88
CA PHE B 70 -19.56 30.63 -11.31
C PHE B 70 -18.81 30.80 -12.62
N THR B 71 -18.93 31.98 -13.22
CA THR B 71 -18.26 32.29 -14.46
C THR B 71 -17.49 33.61 -14.37
N PRO B 72 -16.17 33.52 -14.22
CA PRO B 72 -15.35 34.71 -14.09
C PRO B 72 -15.62 35.69 -15.20
N THR B 73 -15.30 36.95 -14.95
CA THR B 73 -15.48 38.09 -15.84
C THR B 73 -14.25 38.85 -15.49
N GLU B 74 -13.98 39.98 -16.16
CA GLU B 74 -12.79 40.76 -15.87
C GLU B 74 -13.02 41.68 -14.71
N THR B 75 -14.23 42.24 -14.65
CA THR B 75 -14.59 43.20 -13.61
C THR B 75 -14.97 42.50 -12.29
N ASP B 76 -15.76 41.44 -12.38
CA ASP B 76 -16.24 40.75 -11.20
C ASP B 76 -15.16 40.46 -10.16
N THR B 77 -15.53 40.65 -8.89
CA THR B 77 -14.67 40.40 -7.76
C THR B 77 -15.31 39.43 -6.75
N TYR B 78 -14.60 38.33 -6.46
CA TYR B 78 -15.13 37.31 -5.54
C TYR B 78 -14.31 37.27 -4.28
N ALA B 79 -15.00 36.98 -3.17
CA ALA B 79 -14.31 36.99 -1.90
C ALA B 79 -14.93 36.07 -0.90
N CYS B 80 -14.19 35.75 0.16
CA CYS B 80 -14.68 34.94 1.22
C CYS B 80 -14.51 35.69 2.46
N ARG B 81 -15.64 35.95 3.15
CA ARG B 81 -15.67 36.69 4.43
C ARG B 81 -15.96 35.74 5.58
N VAL B 82 -15.00 35.57 6.48
CA VAL B 82 -15.17 34.64 7.59
C VAL B 82 -15.26 35.36 8.91
N LYS B 83 -16.10 34.82 9.79
CA LYS B 83 -16.39 35.36 11.13
C LYS B 83 -16.19 34.23 12.19
N HIS B 84 -15.31 34.41 13.16
CA HIS B 84 -15.01 33.32 14.08
C HIS B 84 -14.61 33.92 15.41
N ASP B 85 -14.88 33.23 16.50
CA ASP B 85 -14.62 33.87 17.79
C ASP B 85 -13.22 34.28 18.05
N SER B 86 -12.29 33.97 17.20
CA SER B 86 -10.93 34.37 17.54
C SER B 86 -10.42 35.65 16.87
N MET B 87 -11.30 36.33 16.14
CA MET B 87 -10.98 37.58 15.47
C MET B 87 -12.05 38.57 15.90
N ALA B 88 -11.69 39.72 16.41
CA ALA B 88 -12.76 40.62 16.80
C ALA B 88 -13.39 41.29 15.60
N GLU B 89 -12.83 41.04 14.43
CA GLU B 89 -13.37 41.60 13.20
C GLU B 89 -13.41 40.54 12.08
N PRO B 90 -14.50 40.49 11.34
CA PRO B 90 -14.62 39.60 10.19
C PRO B 90 -13.47 39.70 9.21
N LYS B 91 -12.78 38.60 8.99
CA LYS B 91 -11.66 38.64 8.09
C LYS B 91 -12.11 38.24 6.70
N THR B 92 -11.83 39.09 5.72
CA THR B 92 -12.17 38.81 4.32
C THR B 92 -10.93 38.51 3.52
N VAL B 93 -11.03 37.54 2.66
CA VAL B 93 -9.93 37.16 1.83
C VAL B 93 -10.37 37.26 0.34
N TYR B 94 -9.58 37.88 -0.52
CA TYR B 94 -10.03 37.99 -1.91
C TYR B 94 -9.43 36.94 -2.85
N TRP B 95 -10.05 36.82 -4.02
CA TRP B 95 -9.69 35.87 -5.05
C TRP B 95 -8.63 36.52 -5.94
N ASP B 96 -7.50 35.81 -6.11
CA ASP B 96 -6.38 36.26 -6.90
C ASP B 96 -6.21 35.41 -8.15
N ARG B 97 -6.85 35.80 -9.24
CA ARG B 97 -6.78 35.04 -10.48
C ARG B 97 -5.32 34.77 -10.84
N ASP B 98 -4.39 35.58 -10.35
CA ASP B 98 -3.03 35.44 -10.77
C ASP B 98 -2.14 34.71 -9.79
N MET B 99 -2.72 34.14 -8.77
CA MET B 99 -1.87 33.47 -7.79
C MET B 99 -1.23 32.19 -8.39
N ALA C 2 -22.32 0.62 9.37
CA ALA C 2 -21.51 1.71 8.85
C ALA C 2 -21.03 2.57 9.99
N VAL C 3 -21.91 3.34 10.61
CA VAL C 3 -21.55 4.18 11.74
C VAL C 3 -21.57 3.36 13.02
N TYR C 4 -20.76 3.70 13.99
CA TYR C 4 -20.73 2.92 15.20
C TYR C 4 -21.75 3.38 16.23
N ASN C 5 -22.08 2.52 17.19
CA ASN C 5 -22.94 2.86 18.34
C ASN C 5 -22.05 3.34 19.49
N PHE C 6 -21.83 4.63 19.55
CA PHE C 6 -20.93 5.15 20.56
C PHE C 6 -21.41 4.96 21.96
N ALA C 7 -20.44 4.77 22.86
CA ALA C 7 -20.68 4.56 24.30
C ALA C 7 -20.65 5.83 25.14
N THR C 8 -21.01 5.77 26.41
CA THR C 8 -20.99 6.95 27.26
C THR C 8 -19.70 7.02 28.01
N MET C 9 -19.30 8.26 28.30
CA MET C 9 -18.05 8.58 29.00
C MET C 9 -18.19 8.79 30.52
N GLY D 1 -1.14 1.04 -5.11
CA GLY D 1 -0.19 -0.09 -4.82
C GLY D 1 1.31 0.18 -5.08
N PRO D 2 2.15 -0.26 -4.12
CA PRO D 2 3.59 -0.07 -4.18
C PRO D 2 4.18 -1.02 -5.18
N HIS D 3 5.48 -0.94 -5.43
CA HIS D 3 6.15 -1.86 -6.37
C HIS D 3 7.62 -1.99 -6.02
N SER D 4 8.26 -3.02 -6.58
CA SER D 4 9.66 -3.23 -6.30
C SER D 4 10.42 -3.83 -7.46
N LEU D 5 11.76 -3.75 -7.37
CA LEU D 5 12.68 -4.31 -8.33
C LEU D 5 13.64 -5.11 -7.47
N ARG D 6 13.68 -6.42 -7.67
CA ARG D 6 14.53 -7.30 -6.87
C ARG D 6 15.56 -8.10 -7.68
N TYR D 7 16.80 -8.15 -7.23
CA TYR D 7 17.82 -8.91 -7.95
C TYR D 7 18.30 -10.09 -7.13
N PHE D 8 18.18 -11.30 -7.67
CA PHE D 8 18.69 -12.41 -6.95
C PHE D 8 19.98 -12.81 -7.62
N VAL D 9 21.10 -12.55 -6.98
CA VAL D 9 22.38 -12.95 -7.60
C VAL D 9 23.04 -14.04 -6.77
N THR D 10 23.62 -15.02 -7.43
CA THR D 10 24.22 -16.13 -6.72
C THR D 10 25.54 -16.50 -7.34
N ALA D 11 26.52 -16.87 -6.51
CA ALA D 11 27.84 -17.31 -7.03
C ALA D 11 28.16 -18.57 -6.32
N VAL D 12 28.60 -19.59 -7.04
CA VAL D 12 28.97 -20.86 -6.40
C VAL D 12 30.26 -21.47 -6.90
N SER D 13 31.23 -21.57 -6.00
CA SER D 13 32.49 -22.21 -6.30
C SER D 13 32.24 -23.70 -6.52
N ARG D 14 33.01 -24.30 -7.41
CA ARG D 14 32.92 -25.73 -7.72
C ARG D 14 34.32 -26.26 -8.09
N PRO D 15 35.16 -26.39 -7.06
CA PRO D 15 36.55 -26.85 -7.21
C PRO D 15 36.76 -28.12 -8.04
N GLY D 16 37.72 -28.04 -8.95
CA GLY D 16 38.03 -29.15 -9.83
C GLY D 16 37.13 -29.14 -11.04
N LEU D 17 36.08 -28.34 -11.01
CA LEU D 17 35.13 -28.30 -12.12
C LEU D 17 35.16 -27.00 -12.93
N GLY D 18 36.10 -26.11 -12.62
CA GLY D 18 36.21 -24.87 -13.36
C GLY D 18 35.80 -23.66 -12.57
N GLU D 19 35.60 -22.52 -13.25
CA GLU D 19 35.19 -21.26 -12.63
C GLU D 19 33.78 -21.34 -12.02
N PRO D 20 33.57 -20.58 -10.94
CA PRO D 20 32.26 -20.56 -10.27
C PRO D 20 31.10 -20.33 -11.24
N ARG D 21 29.90 -20.59 -10.77
CA ARG D 21 28.74 -20.39 -11.60
C ARG D 21 28.06 -19.14 -11.11
N TYR D 22 27.91 -18.15 -11.98
CA TYR D 22 27.30 -16.90 -11.56
C TYR D 22 25.94 -16.72 -12.22
N MET D 23 24.98 -16.27 -11.43
CA MET D 23 23.64 -16.12 -11.96
C MET D 23 23.04 -14.86 -11.41
N GLU D 24 22.18 -14.27 -12.23
CA GLU D 24 21.46 -13.10 -11.81
C GLU D 24 20.04 -13.31 -12.30
N VAL D 25 19.06 -12.98 -11.46
CA VAL D 25 17.67 -13.09 -11.86
C VAL D 25 17.00 -11.92 -11.28
N GLY D 26 16.23 -11.24 -12.12
CA GLY D 26 15.56 -10.03 -11.67
C GLY D 26 14.06 -10.14 -11.76
N TYR D 27 13.38 -9.47 -10.83
CA TYR D 27 11.93 -9.43 -10.79
C TYR D 27 11.41 -8.02 -10.54
N VAL D 28 10.24 -7.74 -11.10
CA VAL D 28 9.53 -6.50 -10.80
C VAL D 28 8.28 -7.08 -10.24
N ASP D 29 8.18 -7.12 -8.91
CA ASP D 29 6.97 -7.62 -8.25
C ASP D 29 6.55 -9.00 -8.70
N ASP D 30 7.18 -10.06 -8.26
CA ASP D 30 6.58 -11.39 -8.59
C ASP D 30 6.61 -11.87 -10.04
N THR D 31 7.07 -11.06 -10.99
CA THR D 31 7.25 -11.61 -12.34
C THR D 31 8.69 -11.47 -12.78
N GLU D 32 9.31 -12.60 -13.08
CA GLU D 32 10.69 -12.63 -13.53
C GLU D 32 10.78 -11.84 -14.84
N PHE D 33 11.72 -10.92 -14.96
CA PHE D 33 11.80 -10.19 -16.21
C PHE D 33 13.16 -10.22 -16.86
N VAL D 34 14.21 -10.62 -16.13
CA VAL D 34 15.50 -10.68 -16.78
C VAL D 34 16.35 -11.69 -16.07
N ARG D 35 17.47 -12.05 -16.71
CA ARG D 35 18.44 -12.99 -16.11
C ARG D 35 19.74 -13.22 -16.81
N PHE D 36 20.70 -13.72 -16.06
CA PHE D 36 21.98 -14.02 -16.64
C PHE D 36 22.52 -15.24 -15.90
N ASP D 37 23.04 -16.22 -16.65
CA ASP D 37 23.60 -17.42 -16.06
C ASP D 37 24.92 -17.74 -16.77
N SER D 38 26.02 -17.71 -16.03
CA SER D 38 27.32 -17.96 -16.64
C SER D 38 27.45 -19.27 -17.38
N ASP D 39 26.47 -20.15 -17.22
CA ASP D 39 26.51 -21.47 -17.84
C ASP D 39 25.70 -21.59 -19.12
N ALA D 40 25.15 -20.50 -19.59
CA ALA D 40 24.38 -20.59 -20.82
C ALA D 40 25.41 -20.85 -21.91
N GLU D 41 24.91 -21.12 -23.12
CA GLU D 41 25.85 -21.28 -24.22
C GLU D 41 26.74 -20.05 -24.26
N ASN D 42 26.16 -18.96 -24.74
CA ASN D 42 26.90 -17.72 -24.59
C ASN D 42 26.17 -16.80 -23.66
N PRO D 43 26.85 -16.56 -22.54
CA PRO D 43 26.34 -15.75 -21.43
C PRO D 43 26.01 -14.32 -21.83
N ARG D 44 24.72 -14.03 -21.83
CA ARG D 44 24.25 -12.72 -22.16
C ARG D 44 23.03 -12.47 -21.29
N TYR D 45 22.79 -11.20 -20.95
CA TYR D 45 21.62 -10.84 -20.16
C TYR D 45 20.53 -10.97 -21.16
N GLU D 46 19.40 -11.54 -20.76
CA GLU D 46 18.31 -11.71 -21.68
C GLU D 46 16.97 -11.57 -20.98
N PRO D 47 15.94 -11.24 -21.76
CA PRO D 47 14.60 -10.99 -21.24
C PRO D 47 13.87 -12.23 -20.78
N ARG D 48 12.88 -12.03 -19.91
CA ARG D 48 12.09 -13.12 -19.37
C ARG D 48 10.68 -12.64 -19.37
N ALA D 49 10.44 -11.59 -20.16
CA ALA D 49 9.11 -11.00 -20.27
C ALA D 49 9.07 -10.29 -21.60
N ARG D 50 7.91 -10.29 -22.26
CA ARG D 50 7.79 -9.62 -23.56
C ARG D 50 8.20 -8.15 -23.51
N TRP D 51 7.52 -7.37 -22.67
CA TRP D 51 7.84 -5.97 -22.53
C TRP D 51 9.34 -5.67 -22.48
N MET D 52 10.16 -6.66 -22.13
CA MET D 52 11.57 -6.40 -22.08
C MET D 52 12.22 -6.44 -23.44
N GLU D 53 11.41 -6.70 -24.47
CA GLU D 53 11.91 -6.75 -25.85
C GLU D 53 11.89 -5.34 -26.39
N GLN D 54 11.27 -4.46 -25.63
CA GLN D 54 11.18 -3.05 -26.02
C GLN D 54 12.51 -2.34 -25.80
N GLU D 55 13.58 -3.10 -25.55
CA GLU D 55 14.85 -2.49 -25.23
C GLU D 55 15.91 -2.56 -26.31
N GLY D 56 16.51 -1.41 -26.62
CA GLY D 56 17.54 -1.29 -27.63
C GLY D 56 18.71 -2.22 -27.42
N PRO D 57 19.46 -2.47 -28.47
CA PRO D 57 20.57 -3.42 -28.39
C PRO D 57 21.56 -2.97 -27.35
N GLU D 58 21.58 -1.67 -27.04
CA GLU D 58 22.54 -1.17 -26.07
C GLU D 58 22.25 -1.54 -24.61
N TYR D 59 20.98 -1.44 -24.22
CA TYR D 59 20.63 -1.78 -22.86
C TYR D 59 21.18 -3.14 -22.52
N TRP D 60 20.92 -4.09 -23.41
CA TRP D 60 21.33 -5.48 -23.24
C TRP D 60 22.83 -5.69 -23.28
N GLU D 61 23.57 -4.67 -23.68
CA GLU D 61 25.01 -4.79 -23.74
C GLU D 61 25.62 -4.28 -22.43
N ARG D 62 25.05 -3.21 -21.90
CA ARG D 62 25.54 -2.64 -20.64
C ARG D 62 25.28 -3.60 -19.50
N GLU D 63 24.19 -4.32 -19.60
CA GLU D 63 23.85 -5.22 -18.55
C GLU D 63 24.76 -6.43 -18.66
N THR D 64 24.79 -7.03 -19.83
CA THR D 64 25.62 -8.18 -20.07
C THR D 64 27.00 -7.89 -19.58
N GLN D 65 27.45 -6.65 -19.71
CA GLN D 65 28.81 -6.37 -19.27
C GLN D 65 28.91 -6.15 -17.77
N LYS D 66 28.15 -5.22 -17.24
CA LYS D 66 28.25 -5.04 -15.80
C LYS D 66 27.92 -6.31 -15.08
N ALA D 67 27.43 -7.30 -15.83
CA ALA D 67 27.09 -8.57 -15.24
C ALA D 67 28.34 -9.41 -15.18
N LYS D 68 29.05 -9.45 -16.28
CA LYS D 68 30.28 -10.22 -16.37
C LYS D 68 31.28 -9.62 -15.41
N GLY D 69 31.10 -8.34 -15.13
CA GLY D 69 31.95 -7.67 -14.19
C GLY D 69 31.69 -8.23 -12.80
N ASN D 70 30.42 -8.22 -12.36
CA ASN D 70 30.05 -8.74 -11.06
C ASN D 70 30.57 -10.17 -10.91
N GLU D 71 30.44 -10.93 -11.99
CA GLU D 71 30.89 -12.32 -12.01
C GLU D 71 32.31 -12.44 -11.50
N GLN D 72 33.20 -11.59 -12.03
CA GLN D 72 34.60 -11.61 -11.63
C GLN D 72 34.70 -11.21 -10.17
N SER D 73 33.92 -10.19 -9.82
CA SER D 73 33.91 -9.63 -8.48
C SER D 73 33.54 -10.66 -7.45
N PHE D 74 32.48 -11.44 -7.70
CA PHE D 74 32.10 -12.48 -6.74
C PHE D 74 33.10 -13.60 -6.84
N ARG D 75 33.72 -13.71 -7.98
CA ARG D 75 34.67 -14.77 -8.13
C ARG D 75 35.81 -14.49 -7.19
N VAL D 76 36.19 -13.22 -7.08
CA VAL D 76 37.26 -12.86 -6.16
C VAL D 76 36.74 -12.98 -4.75
N ASP D 77 35.50 -12.55 -4.54
CA ASP D 77 34.86 -12.63 -3.25
C ASP D 77 34.97 -14.03 -2.64
N LEU D 78 34.55 -15.04 -3.38
CA LEU D 78 34.55 -16.41 -2.91
C LEU D 78 35.89 -16.83 -2.31
N ARG D 79 36.99 -16.46 -2.97
CA ARG D 79 38.34 -16.78 -2.49
C ARG D 79 38.70 -15.93 -1.27
N THR D 80 38.19 -14.71 -1.25
CA THR D 80 38.43 -13.80 -0.13
C THR D 80 37.87 -14.42 1.13
N LEU D 81 36.57 -14.73 1.11
CA LEU D 81 35.91 -15.31 2.25
C LEU D 81 36.55 -16.62 2.66
N LEU D 82 37.33 -17.24 1.78
CA LEU D 82 38.02 -18.47 2.16
C LEU D 82 39.12 -18.17 3.16
N GLY D 83 39.68 -16.98 3.06
CA GLY D 83 40.71 -16.58 3.99
C GLY D 83 40.08 -16.09 5.29
N TYR D 84 38.96 -15.40 5.16
CA TYR D 84 38.28 -14.89 6.32
C TYR D 84 37.95 -16.05 7.25
N TYR D 85 37.36 -17.11 6.71
CA TYR D 85 36.94 -18.24 7.54
C TYR D 85 37.94 -19.41 7.64
N ASN D 86 39.17 -19.18 7.22
CA ASN D 86 40.18 -20.24 7.29
C ASN D 86 39.60 -21.54 6.75
N GLN D 87 38.94 -21.45 5.62
CA GLN D 87 38.32 -22.61 5.02
C GLN D 87 39.27 -23.27 4.01
N SER D 88 39.08 -24.56 3.82
CA SER D 88 39.86 -25.34 2.87
C SER D 88 39.57 -24.87 1.45
N LYS D 89 40.61 -24.83 0.63
CA LYS D 89 40.47 -24.45 -0.78
C LYS D 89 39.73 -25.56 -1.55
N GLY D 90 39.40 -26.66 -0.89
CA GLY D 90 38.77 -27.75 -1.60
C GLY D 90 37.26 -27.76 -1.61
N GLY D 91 36.65 -27.15 -0.60
CA GLY D 91 35.21 -27.14 -0.46
C GLY D 91 34.46 -26.18 -1.36
N SER D 92 33.22 -26.54 -1.70
CA SER D 92 32.35 -25.71 -2.54
C SER D 92 31.58 -24.73 -1.66
N HIS D 93 31.54 -23.44 -2.00
CA HIS D 93 30.81 -22.47 -1.18
C HIS D 93 29.88 -21.53 -1.95
N THR D 94 28.90 -20.96 -1.27
CA THR D 94 27.97 -20.09 -1.97
C THR D 94 27.88 -18.69 -1.40
N ILE D 95 27.61 -17.73 -2.28
CA ILE D 95 27.33 -16.34 -1.90
C ILE D 95 26.03 -15.91 -2.56
N GLN D 96 25.09 -15.52 -1.73
CA GLN D 96 23.81 -15.10 -2.23
C GLN D 96 23.70 -13.63 -1.90
N VAL D 97 22.95 -12.89 -2.68
CA VAL D 97 22.77 -11.49 -2.39
C VAL D 97 21.44 -11.12 -2.94
N ILE D 98 20.78 -10.17 -2.30
CA ILE D 98 19.54 -9.65 -2.79
C ILE D 98 19.58 -8.17 -2.59
N SER D 99 19.52 -7.44 -3.71
CA SER D 99 19.49 -5.99 -3.62
C SER D 99 18.29 -5.54 -4.44
N GLY D 100 17.79 -4.34 -4.16
CA GLY D 100 16.65 -3.78 -4.87
C GLY D 100 16.00 -2.63 -4.17
N CYS D 101 14.84 -2.21 -4.65
CA CYS D 101 14.17 -1.08 -4.02
C CYS D 101 12.66 -1.19 -4.15
N GLU D 102 11.93 -0.71 -3.14
CA GLU D 102 10.47 -0.75 -3.16
C GLU D 102 10.05 0.66 -3.33
N VAL D 103 8.82 0.89 -3.79
CA VAL D 103 8.30 2.25 -3.93
C VAL D 103 6.84 2.31 -3.57
N GLY D 104 6.30 3.51 -3.56
CA GLY D 104 4.90 3.74 -3.30
C GLY D 104 4.25 3.97 -4.64
N SER D 105 2.95 4.29 -4.62
CA SER D 105 2.23 4.49 -5.87
C SER D 105 2.57 5.84 -6.51
N ASP D 106 3.08 6.74 -5.70
CA ASP D 106 3.47 8.04 -6.19
C ASP D 106 4.75 7.96 -7.01
N GLY D 107 5.34 6.77 -7.05
CA GLY D 107 6.55 6.54 -7.79
C GLY D 107 7.78 6.84 -6.95
N ARG D 108 7.56 7.28 -5.73
CA ARG D 108 8.65 7.67 -4.86
C ARG D 108 9.32 6.46 -4.19
N LEU D 109 10.44 6.67 -3.53
CA LEU D 109 11.11 5.55 -2.83
C LEU D 109 10.44 5.21 -1.49
N LEU D 110 10.35 3.92 -1.18
CA LEU D 110 9.81 3.49 0.09
C LEU D 110 10.88 2.77 0.89
N ARG D 111 11.59 1.89 0.24
CA ARG D 111 12.57 1.08 0.94
C ARG D 111 13.68 0.66 0.01
N GLY D 112 14.87 0.48 0.53
CA GLY D 112 15.99 0.06 -0.28
C GLY D 112 16.72 -1.03 0.43
N TYR D 113 17.28 -1.97 -0.29
CA TYR D 113 17.93 -3.06 0.44
C TYR D 113 19.01 -3.78 -0.33
N GLN D 114 19.90 -4.37 0.42
CA GLN D 114 20.92 -5.17 -0.17
C GLN D 114 21.52 -5.97 0.96
N GLN D 115 21.45 -7.28 0.84
CA GLN D 115 22.05 -8.07 1.88
C GLN D 115 22.74 -9.31 1.35
N TYR D 116 23.92 -9.58 1.91
CA TYR D 116 24.70 -10.72 1.48
C TYR D 116 24.54 -11.88 2.42
N ALA D 117 24.88 -13.06 1.91
CA ALA D 117 24.83 -14.31 2.67
C ALA D 117 26.04 -15.10 2.27
N TYR D 118 26.26 -16.23 2.92
CA TYR D 118 27.40 -17.04 2.55
C TYR D 118 27.14 -18.45 3.02
N ASP D 119 27.08 -19.39 2.10
CA ASP D 119 26.73 -20.75 2.46
C ASP D 119 25.46 -20.71 3.34
N GLY D 120 24.40 -20.13 2.79
CA GLY D 120 23.12 -20.13 3.44
C GLY D 120 22.93 -19.34 4.71
N CYS D 121 24.00 -18.80 5.29
CA CYS D 121 23.82 -18.01 6.51
C CYS D 121 24.10 -16.49 6.32
N ASP D 122 23.46 -15.66 7.14
CA ASP D 122 23.62 -14.21 7.09
C ASP D 122 25.06 -13.79 7.07
N TYR D 123 25.42 -12.81 6.24
CA TYR D 123 26.77 -12.34 6.22
C TYR D 123 26.86 -10.86 6.54
N ILE D 124 26.31 -10.03 5.66
CA ILE D 124 26.31 -8.61 5.89
C ILE D 124 25.09 -8.03 5.21
N ALA D 125 24.61 -6.89 5.73
CA ALA D 125 23.42 -6.27 5.18
C ALA D 125 23.44 -4.78 5.48
N LEU D 126 22.88 -3.99 4.55
CA LEU D 126 22.81 -2.53 4.70
C LEU D 126 21.58 -2.13 5.55
N ASN D 127 21.82 -1.46 6.67
CA ASN D 127 20.73 -1.05 7.54
C ASN D 127 19.77 -0.18 6.73
N GLU D 128 18.57 0.04 7.25
CA GLU D 128 17.61 0.81 6.47
C GLU D 128 17.86 2.31 6.41
N ASP D 129 18.83 2.81 7.20
CA ASP D 129 19.17 4.22 7.15
C ASP D 129 19.95 4.46 5.87
N LEU D 130 20.35 3.36 5.25
CA LEU D 130 21.13 3.39 4.02
C LEU D 130 22.46 4.03 4.24
N LYS D 131 22.94 4.01 5.48
CA LYS D 131 24.24 4.61 5.79
C LYS D 131 25.20 3.64 6.52
N THR D 132 24.64 2.80 7.39
CA THR D 132 25.46 1.89 8.17
C THR D 132 25.27 0.40 7.83
N TRP D 133 26.20 -0.44 8.32
CA TRP D 133 26.13 -1.87 8.02
C TRP D 133 25.93 -2.74 9.26
N THR D 134 25.28 -3.88 9.11
CA THR D 134 25.10 -4.80 10.20
C THR D 134 25.76 -6.08 9.80
N ALA D 135 26.89 -6.39 10.42
CA ALA D 135 27.67 -7.58 10.05
C ALA D 135 27.26 -8.78 10.87
N ALA D 136 27.17 -9.96 10.26
CA ALA D 136 26.77 -11.16 11.00
C ALA D 136 27.86 -11.64 11.97
N ASP D 137 28.91 -12.22 11.44
CA ASP D 137 30.03 -12.70 12.24
C ASP D 137 31.21 -11.77 11.99
N MET D 138 32.27 -11.97 12.75
CA MET D 138 33.44 -11.11 12.64
C MET D 138 34.18 -11.18 11.30
N ALA D 139 33.88 -12.16 10.49
CA ALA D 139 34.49 -12.20 9.17
C ALA D 139 33.87 -11.08 8.37
N ALA D 140 32.54 -11.05 8.39
CA ALA D 140 31.77 -10.03 7.71
C ALA D 140 32.07 -8.70 8.35
N LEU D 141 32.66 -8.75 9.52
CA LEU D 141 32.95 -7.54 10.25
C LEU D 141 34.05 -6.73 9.56
N ILE D 142 34.90 -7.43 8.81
CA ILE D 142 36.06 -6.90 8.08
C ILE D 142 35.61 -6.19 6.82
N THR D 143 34.75 -6.86 6.06
CA THR D 143 34.14 -6.31 4.86
C THR D 143 33.43 -5.06 5.24
N LYS D 144 32.92 -5.05 6.47
CA LYS D 144 32.24 -3.90 6.97
C LYS D 144 33.18 -2.71 6.94
N HIS D 145 34.42 -2.89 7.38
CA HIS D 145 35.35 -1.76 7.40
C HIS D 145 35.89 -1.40 6.04
N LYS D 146 36.04 -2.38 5.16
CA LYS D 146 36.52 -2.05 3.83
C LYS D 146 35.58 -1.04 3.23
N TRP D 147 34.29 -1.30 3.37
CA TRP D 147 33.27 -0.48 2.77
C TRP D 147 33.08 0.87 3.45
N GLU D 148 33.20 0.89 4.78
CA GLU D 148 33.07 2.13 5.54
C GLU D 148 34.18 3.04 5.06
N GLN D 149 35.37 2.48 4.91
CA GLN D 149 36.55 3.22 4.45
C GLN D 149 36.50 3.61 2.98
N ALA D 150 35.70 2.88 2.20
CA ALA D 150 35.58 3.20 0.80
C ALA D 150 34.26 3.89 0.49
N GLY D 151 33.52 4.28 1.53
CA GLY D 151 32.25 4.97 1.35
C GLY D 151 31.28 4.15 0.51
N GLU D 152 31.42 2.83 0.55
CA GLU D 152 30.59 1.99 -0.27
C GLU D 152 29.10 2.19 -0.01
N ALA D 153 28.78 2.55 1.24
CA ALA D 153 27.38 2.74 1.66
C ALA D 153 26.69 3.91 0.93
N GLU D 154 27.40 5.03 0.82
CA GLU D 154 26.82 6.18 0.14
C GLU D 154 26.87 5.92 -1.37
N ARG D 155 27.73 5.00 -1.75
CA ARG D 155 27.86 4.68 -3.15
C ARG D 155 26.62 3.92 -3.56
N LEU D 156 26.14 3.07 -2.66
CA LEU D 156 24.97 2.24 -2.93
C LEU D 156 23.74 3.06 -2.85
N ARG D 157 23.70 3.91 -1.82
CA ARG D 157 22.52 4.75 -1.56
C ARG D 157 22.16 5.52 -2.82
N ALA D 158 23.16 6.16 -3.41
CA ALA D 158 22.96 6.87 -4.67
C ALA D 158 22.32 5.94 -5.69
N TYR D 159 22.80 4.70 -5.73
CA TYR D 159 22.25 3.70 -6.63
C TYR D 159 20.78 3.39 -6.29
N LEU D 160 20.51 3.15 -5.02
CA LEU D 160 19.17 2.82 -4.62
C LEU D 160 18.22 3.97 -4.90
N GLU D 161 18.56 5.15 -4.40
CA GLU D 161 17.70 6.35 -4.55
C GLU D 161 17.62 6.83 -5.99
N GLY D 162 18.63 6.46 -6.79
CA GLY D 162 18.70 6.93 -8.17
C GLY D 162 18.34 5.91 -9.24
N THR D 163 19.38 5.28 -9.78
CA THR D 163 19.22 4.30 -10.82
C THR D 163 18.20 3.21 -10.54
N CYS D 164 18.09 2.79 -9.28
CA CYS D 164 17.16 1.71 -8.98
C CYS D 164 15.71 2.14 -9.10
N VAL D 165 15.32 3.18 -8.36
CA VAL D 165 13.95 3.67 -8.36
C VAL D 165 13.54 4.17 -9.73
N GLU D 166 14.51 4.62 -10.50
CA GLU D 166 14.16 5.18 -11.80
C GLU D 166 13.81 4.10 -12.82
N TRP D 167 14.68 3.13 -12.99
CA TRP D 167 14.40 2.05 -13.93
C TRP D 167 13.16 1.26 -13.50
N LEU D 168 12.92 1.21 -12.19
CA LEU D 168 11.74 0.53 -11.71
C LEU D 168 10.54 1.15 -12.42
N ARG D 169 10.44 2.48 -12.40
CA ARG D 169 9.32 3.15 -13.05
C ARG D 169 9.33 2.82 -14.53
N ARG D 170 10.50 2.93 -15.14
CA ARG D 170 10.59 2.63 -16.55
C ARG D 170 9.95 1.28 -16.81
N TYR D 171 10.48 0.25 -16.18
CA TYR D 171 9.94 -1.10 -16.34
C TYR D 171 8.45 -1.15 -16.11
N LEU D 172 8.01 -0.57 -15.01
CA LEU D 172 6.59 -0.54 -14.66
C LEU D 172 5.76 0.17 -15.72
N LYS D 173 6.41 0.82 -16.67
CA LYS D 173 5.66 1.54 -17.70
C LYS D 173 5.72 0.73 -18.97
N ASN D 174 6.91 0.24 -19.28
CA ASN D 174 7.08 -0.57 -20.46
C ASN D 174 6.07 -1.70 -20.49
N GLY D 175 5.89 -2.37 -19.36
CA GLY D 175 4.97 -3.47 -19.30
C GLY D 175 3.94 -3.34 -18.20
N ASN D 176 3.31 -2.17 -18.10
CA ASN D 176 2.29 -1.99 -17.08
C ASN D 176 1.10 -2.90 -17.32
N ALA D 177 0.82 -3.18 -18.59
CA ALA D 177 -0.28 -4.06 -18.96
C ALA D 177 -0.08 -5.47 -18.42
N THR D 178 1.15 -5.75 -18.00
CA THR D 178 1.48 -7.06 -17.50
C THR D 178 1.74 -7.03 -16.01
N LEU D 179 2.34 -5.93 -15.55
CA LEU D 179 2.71 -5.80 -14.14
C LEU D 179 1.66 -5.16 -13.28
N LEU D 180 0.81 -4.36 -13.86
CA LEU D 180 -0.21 -3.69 -13.07
C LEU D 180 -1.58 -4.35 -13.22
N ARG D 181 -1.56 -5.62 -13.67
CA ARG D 181 -2.78 -6.40 -13.87
C ARG D 181 -3.10 -7.22 -12.65
N THR D 182 -4.37 -7.55 -12.50
CA THR D 182 -4.86 -8.31 -11.37
C THR D 182 -5.70 -9.50 -11.85
N ASP D 183 -5.19 -10.71 -11.70
CA ASP D 183 -5.94 -11.86 -12.09
C ASP D 183 -6.63 -12.42 -10.88
N SER D 184 -7.94 -12.51 -10.91
CA SER D 184 -8.68 -13.02 -9.76
C SER D 184 -8.44 -14.52 -9.58
N PRO D 185 -8.47 -14.97 -8.32
CA PRO D 185 -8.41 -16.39 -7.97
C PRO D 185 -9.70 -17.16 -8.03
N LYS D 186 -9.77 -18.16 -8.89
CA LYS D 186 -10.93 -19.02 -8.96
C LYS D 186 -10.60 -20.16 -7.99
N ALA D 187 -11.59 -20.65 -7.25
CA ALA D 187 -11.35 -21.65 -6.22
C ALA D 187 -12.31 -22.84 -6.21
N HIS D 188 -12.00 -23.82 -5.36
CA HIS D 188 -12.81 -25.02 -5.16
C HIS D 188 -12.23 -25.83 -4.03
N VAL D 189 -12.99 -26.82 -3.57
CA VAL D 189 -12.59 -27.67 -2.44
C VAL D 189 -12.57 -29.15 -2.83
N THR D 190 -11.56 -29.89 -2.37
CA THR D 190 -11.48 -31.30 -2.63
C THR D 190 -11.69 -32.02 -1.31
N HIS D 191 -12.14 -33.28 -1.41
CA HIS D 191 -12.51 -34.12 -0.27
C HIS D 191 -11.79 -35.47 -0.35
N HIS D 192 -11.23 -35.91 0.78
CA HIS D 192 -10.47 -37.17 0.85
C HIS D 192 -10.78 -37.96 2.11
N SER D 193 -11.13 -39.23 1.94
CA SER D 193 -11.45 -40.04 3.09
C SER D 193 -10.19 -40.29 3.93
N ARG D 194 -10.39 -40.78 5.14
CA ARG D 194 -9.31 -41.02 6.06
C ARG D 194 -9.69 -42.08 7.09
N PRO D 195 -8.67 -42.66 7.73
CA PRO D 195 -8.84 -43.60 8.84
C PRO D 195 -9.60 -43.01 10.04
N GLU D 196 -10.30 -43.86 10.78
CA GLU D 196 -10.93 -43.37 11.99
C GLU D 196 -12.05 -42.37 11.67
N ASP D 197 -12.80 -42.60 10.60
CA ASP D 197 -13.92 -41.73 10.25
C ASP D 197 -13.55 -40.22 10.25
N LYS D 198 -12.37 -39.92 9.72
CA LYS D 198 -11.88 -38.53 9.61
C LYS D 198 -11.95 -38.13 8.14
N VAL D 199 -11.82 -36.84 7.86
CA VAL D 199 -11.88 -36.38 6.47
C VAL D 199 -11.02 -35.15 6.22
N THR D 200 -10.24 -35.20 5.15
CA THR D 200 -9.38 -34.08 4.78
C THR D 200 -10.09 -33.25 3.71
N LEU D 201 -10.27 -31.97 3.99
CA LEU D 201 -10.87 -31.07 3.02
C LEU D 201 -9.83 -30.06 2.59
N ARG D 202 -9.58 -29.98 1.28
CA ARG D 202 -8.56 -29.09 0.73
C ARG D 202 -9.19 -27.97 -0.08
N CYS D 203 -8.66 -26.75 0.07
CA CYS D 203 -9.21 -25.60 -0.63
C CYS D 203 -8.18 -25.04 -1.63
N TRP D 204 -8.49 -25.15 -2.93
CA TRP D 204 -7.58 -24.73 -3.98
C TRP D 204 -7.96 -23.36 -4.48
N ALA D 205 -6.96 -22.52 -4.70
CA ALA D 205 -7.14 -21.18 -5.29
C ALA D 205 -6.20 -21.10 -6.48
N LEU D 206 -6.73 -20.86 -7.70
CA LEU D 206 -5.89 -20.96 -8.90
C LEU D 206 -5.94 -19.70 -9.79
N GLY D 207 -5.00 -19.68 -10.73
CA GLY D 207 -4.90 -18.62 -11.73
C GLY D 207 -5.05 -17.18 -11.27
N PHE D 208 -4.46 -16.83 -10.13
CA PHE D 208 -4.54 -15.44 -9.61
C PHE D 208 -3.24 -14.69 -9.81
N TYR D 209 -3.26 -13.36 -10.03
CA TYR D 209 -1.93 -12.80 -10.25
C TYR D 209 -1.18 -12.04 -9.21
N PRO D 210 -1.57 -11.03 -8.45
CA PRO D 210 -0.54 -10.75 -7.44
C PRO D 210 -0.32 -12.02 -6.63
N ALA D 211 0.90 -12.45 -6.36
CA ALA D 211 1.11 -13.71 -5.63
C ALA D 211 0.46 -13.69 -4.24
N ASP D 212 0.16 -12.48 -3.78
CA ASP D 212 -0.35 -12.35 -2.43
C ASP D 212 -1.84 -12.68 -2.31
N ILE D 213 -2.13 -13.68 -1.48
CA ILE D 213 -3.49 -14.16 -1.24
C ILE D 213 -3.60 -14.82 0.13
N THR D 214 -4.79 -14.88 0.70
CA THR D 214 -4.95 -15.51 2.00
C THR D 214 -5.97 -16.61 1.93
N LEU D 215 -5.71 -17.69 2.66
CA LEU D 215 -6.62 -18.83 2.69
C LEU D 215 -6.84 -19.26 4.13
N THR D 216 -8.11 -19.38 4.56
CA THR D 216 -8.42 -19.86 5.90
C THR D 216 -9.62 -20.79 5.89
N TRP D 217 -9.71 -21.64 6.90
CA TRP D 217 -10.84 -22.54 7.07
C TRP D 217 -11.60 -22.08 8.31
N GLN D 218 -12.92 -21.95 8.20
CA GLN D 218 -13.71 -21.51 9.35
C GLN D 218 -14.81 -22.47 9.79
N LEU D 219 -15.04 -22.51 11.10
CA LEU D 219 -16.10 -23.31 11.71
C LEU D 219 -16.89 -22.40 12.62
N ASN D 220 -18.15 -22.17 12.29
CA ASN D 220 -19.02 -21.29 13.09
C ASN D 220 -18.40 -19.91 13.36
N GLY D 221 -17.65 -19.38 12.41
CA GLY D 221 -17.10 -18.06 12.61
C GLY D 221 -15.71 -17.93 13.22
N GLU D 222 -15.05 -19.04 13.55
CA GLU D 222 -13.69 -18.98 14.10
C GLU D 222 -12.74 -19.71 13.17
N GLU D 223 -11.63 -19.06 12.82
CA GLU D 223 -10.66 -19.63 11.88
C GLU D 223 -9.78 -20.65 12.57
N LEU D 224 -9.84 -21.88 12.08
CA LEU D 224 -8.95 -22.86 12.66
C LEU D 224 -7.64 -22.84 11.92
N ILE D 225 -6.88 -21.78 12.19
CA ILE D 225 -5.58 -21.57 11.54
C ILE D 225 -4.55 -22.61 11.99
N GLN D 226 -4.72 -23.09 13.23
CA GLN D 226 -3.71 -23.95 13.84
C GLN D 226 -3.76 -25.39 13.34
N ASP D 227 -4.94 -25.98 13.41
CA ASP D 227 -5.16 -27.35 12.95
C ASP D 227 -5.50 -27.35 11.47
N MET D 228 -4.67 -26.65 10.72
CA MET D 228 -4.84 -26.49 9.29
C MET D 228 -3.50 -26.83 8.63
N GLU D 229 -3.45 -26.81 7.31
CA GLU D 229 -2.21 -27.06 6.56
C GLU D 229 -2.25 -26.27 5.27
N LEU D 230 -1.09 -25.93 4.71
CA LEU D 230 -1.03 -25.21 3.44
C LEU D 230 0.37 -25.28 2.81
N VAL D 231 0.50 -24.71 1.62
CA VAL D 231 1.76 -24.71 0.91
C VAL D 231 2.14 -23.29 0.46
N GLU D 232 3.40 -22.91 0.68
CA GLU D 232 3.82 -21.60 0.23
C GLU D 232 3.38 -21.40 -1.20
N THR D 233 2.63 -20.31 -1.40
CA THR D 233 2.13 -19.94 -2.72
C THR D 233 3.17 -20.29 -3.77
N ARG D 234 2.72 -20.60 -4.98
CA ARG D 234 3.63 -21.03 -6.01
C ARG D 234 3.31 -20.48 -7.39
N PRO D 235 4.34 -20.47 -8.25
CA PRO D 235 4.17 -20.08 -9.67
C PRO D 235 3.52 -21.21 -10.47
N ALA D 236 2.64 -20.91 -11.41
CA ALA D 236 2.01 -21.97 -12.16
C ALA D 236 2.52 -22.09 -13.59
N GLY D 237 3.69 -21.52 -13.84
CA GLY D 237 4.31 -21.64 -15.15
C GLY D 237 3.88 -20.73 -16.28
N ASP D 238 2.88 -19.87 -16.04
CA ASP D 238 2.37 -18.93 -17.05
C ASP D 238 2.35 -17.50 -16.55
N GLY D 239 2.95 -17.27 -15.37
CA GLY D 239 2.96 -15.95 -14.76
C GLY D 239 1.86 -15.72 -13.73
N THR D 240 1.18 -16.76 -13.24
CA THR D 240 0.16 -16.55 -12.20
C THR D 240 0.45 -17.50 -11.09
N PHE D 241 -0.21 -17.34 -9.95
CA PHE D 241 0.06 -18.20 -8.81
C PHE D 241 -1.08 -19.04 -8.31
N GLN D 242 -0.78 -19.94 -7.38
CA GLN D 242 -1.78 -20.80 -6.76
C GLN D 242 -1.37 -21.24 -5.36
N LYS D 243 -2.36 -21.66 -4.59
CA LYS D 243 -2.19 -22.09 -3.21
C LYS D 243 -3.29 -23.05 -2.79
N TRP D 244 -2.99 -23.90 -1.83
CA TRP D 244 -4.00 -24.75 -1.24
C TRP D 244 -3.84 -24.80 0.28
N ALA D 245 -4.98 -24.95 0.98
CA ALA D 245 -5.01 -25.06 2.43
C ALA D 245 -5.99 -26.15 2.75
N SER D 246 -5.62 -27.09 3.62
CA SER D 246 -6.54 -28.17 3.97
C SER D 246 -6.75 -28.21 5.46
N VAL D 247 -7.74 -29.00 5.88
CA VAL D 247 -8.10 -29.12 7.29
C VAL D 247 -8.80 -30.45 7.50
N VAL D 248 -8.52 -31.12 8.61
CA VAL D 248 -9.18 -32.39 8.88
C VAL D 248 -10.44 -32.19 9.75
N VAL D 249 -11.56 -32.71 9.26
CA VAL D 249 -12.84 -32.53 9.94
C VAL D 249 -13.51 -33.89 10.08
N PRO D 250 -14.41 -34.01 11.06
CA PRO D 250 -15.11 -35.27 11.30
C PRO D 250 -16.03 -35.62 10.13
N LEU D 251 -16.15 -36.92 9.86
CA LEU D 251 -16.95 -37.40 8.74
C LEU D 251 -18.40 -37.04 8.91
N GLY D 252 -19.07 -36.66 7.82
CA GLY D 252 -20.48 -36.30 7.86
C GLY D 252 -20.77 -34.89 8.36
N LYS D 253 -19.75 -34.26 8.96
CA LYS D 253 -19.86 -32.91 9.49
C LYS D 253 -18.96 -31.92 8.77
N GLU D 254 -18.91 -31.96 7.45
CA GLU D 254 -18.03 -31.06 6.76
C GLU D 254 -18.67 -29.79 6.20
N GLN D 255 -19.98 -29.82 6.03
CA GLN D 255 -20.67 -28.64 5.51
C GLN D 255 -20.68 -27.52 6.56
N TYR D 256 -20.22 -27.87 7.75
CA TYR D 256 -20.11 -26.91 8.85
C TYR D 256 -18.79 -26.16 8.73
N TYR D 257 -18.02 -26.48 7.69
CA TYR D 257 -16.71 -25.86 7.45
C TYR D 257 -16.67 -25.09 6.14
N THR D 258 -16.12 -23.87 6.18
CA THR D 258 -16.00 -23.03 4.99
C THR D 258 -14.58 -22.56 4.70
N CYS D 259 -14.31 -22.26 3.44
CA CYS D 259 -13.02 -21.75 3.01
C CYS D 259 -13.15 -20.25 2.69
N HIS D 260 -12.13 -19.46 3.05
CA HIS D 260 -12.13 -18.02 2.84
C HIS D 260 -10.90 -17.59 2.06
N VAL D 261 -11.12 -16.97 0.91
CA VAL D 261 -10.03 -16.54 0.05
C VAL D 261 -9.93 -15.05 0.00
N TYR D 262 -8.81 -14.50 0.45
CA TYR D 262 -8.57 -13.06 0.47
C TYR D 262 -7.57 -12.63 -0.59
N HIS D 263 -8.05 -11.96 -1.63
CA HIS D 263 -7.14 -11.52 -2.71
C HIS D 263 -7.45 -10.15 -3.30
N GLN D 264 -6.43 -9.56 -3.91
CA GLN D 264 -6.54 -8.24 -4.52
C GLN D 264 -7.68 -8.17 -5.55
N GLY D 265 -7.86 -9.25 -6.31
CA GLY D 265 -8.87 -9.24 -7.35
C GLY D 265 -10.22 -9.64 -6.83
N LEU D 266 -10.34 -9.74 -5.51
CA LEU D 266 -11.59 -10.14 -4.92
C LEU D 266 -12.17 -9.01 -4.11
N PRO D 267 -13.09 -8.24 -4.69
CA PRO D 267 -13.73 -7.16 -3.92
C PRO D 267 -14.38 -7.76 -2.67
N GLU D 268 -14.91 -8.98 -2.80
CA GLU D 268 -15.53 -9.68 -1.68
C GLU D 268 -14.84 -11.04 -1.45
N PRO D 269 -14.18 -11.20 -0.31
CA PRO D 269 -13.48 -12.45 -0.02
C PRO D 269 -14.33 -13.63 -0.45
N LEU D 270 -13.69 -14.62 -1.08
CA LEU D 270 -14.38 -15.83 -1.54
C LEU D 270 -14.75 -16.69 -0.36
N THR D 271 -15.91 -17.34 -0.44
CA THR D 271 -16.33 -18.26 0.62
C THR D 271 -16.85 -19.57 0.05
N LEU D 272 -16.14 -20.66 0.24
CA LEU D 272 -16.71 -21.88 -0.28
C LEU D 272 -16.66 -23.01 0.70
N ARG D 273 -17.45 -24.03 0.40
CA ARG D 273 -17.50 -25.22 1.20
C ARG D 273 -17.55 -26.39 0.25
N TRP D 274 -17.65 -27.60 0.77
CA TRP D 274 -17.65 -28.76 -0.10
C TRP D 274 -18.98 -29.04 -0.82
N GLU D 275 -18.84 -29.40 -2.09
CA GLU D 275 -19.96 -29.77 -2.95
C GLU D 275 -19.99 -31.31 -3.18
N PRO D 276 -20.88 -31.99 -2.46
CA PRO D 276 -21.01 -33.45 -2.55
C PRO D 276 -21.00 -34.03 -3.98
N ILE E 1 25.50 -25.64 6.03
CA ILE E 1 24.14 -26.15 6.40
C ILE E 1 23.52 -26.86 5.22
N GLN E 2 22.59 -27.78 5.52
CA GLN E 2 21.89 -28.50 4.47
C GLN E 2 20.41 -28.56 4.73
N LYS E 3 19.63 -28.51 3.66
CA LYS E 3 18.18 -28.58 3.74
C LYS E 3 17.64 -29.38 2.59
N THR E 4 16.77 -30.33 2.88
CA THR E 4 16.20 -31.17 1.86
C THR E 4 15.12 -30.44 1.06
N PRO E 5 15.07 -30.65 -0.25
CA PRO E 5 14.06 -29.97 -1.06
C PRO E 5 12.67 -30.38 -0.67
N GLN E 6 11.68 -29.72 -1.27
CA GLN E 6 10.27 -30.02 -1.06
C GLN E 6 9.68 -29.99 -2.46
N ILE E 7 9.60 -31.15 -3.07
CA ILE E 7 9.14 -31.28 -4.44
C ILE E 7 7.64 -31.31 -4.58
N GLN E 8 7.02 -30.19 -4.93
CA GLN E 8 5.57 -30.18 -5.13
C GLN E 8 5.30 -30.29 -6.64
N VAL E 9 4.30 -31.09 -7.02
CA VAL E 9 3.96 -31.21 -8.44
C VAL E 9 2.51 -30.85 -8.69
N TYR E 10 2.24 -30.11 -9.76
CA TYR E 10 0.86 -29.62 -10.03
C TYR E 10 0.65 -28.96 -11.40
N SER E 11 -0.60 -28.90 -11.82
CA SER E 11 -0.91 -28.27 -13.10
C SER E 11 -1.47 -26.83 -12.92
N ARG E 12 -1.61 -26.13 -14.05
CA ARG E 12 -2.11 -24.77 -14.07
C ARG E 12 -3.63 -24.74 -13.90
N HIS E 13 -4.30 -25.63 -14.62
CA HIS E 13 -5.76 -25.77 -14.61
C HIS E 13 -6.11 -27.15 -14.12
N PRO E 14 -7.31 -27.30 -13.53
CA PRO E 14 -7.74 -28.62 -13.06
C PRO E 14 -7.71 -29.51 -14.30
N PRO E 15 -7.08 -30.68 -14.19
CA PRO E 15 -6.87 -31.58 -15.34
C PRO E 15 -8.13 -32.09 -16.00
N GLU E 16 -8.13 -32.06 -17.32
CA GLU E 16 -9.25 -32.57 -18.11
C GLU E 16 -8.66 -33.19 -19.37
N ASN E 17 -8.87 -34.49 -19.51
CA ASN E 17 -8.32 -35.26 -20.63
C ASN E 17 -8.51 -34.57 -21.97
N GLY E 18 -7.46 -34.54 -22.78
CA GLY E 18 -7.55 -33.89 -24.08
C GLY E 18 -7.56 -32.36 -24.10
N LYS E 19 -7.33 -31.73 -22.96
CA LYS E 19 -7.25 -30.27 -22.91
C LYS E 19 -5.82 -29.80 -22.51
N PRO E 20 -5.23 -28.90 -23.29
CA PRO E 20 -3.89 -28.39 -23.00
C PRO E 20 -3.79 -27.78 -21.63
N ASN E 21 -2.61 -27.86 -21.05
CA ASN E 21 -2.36 -27.41 -19.69
C ASN E 21 -0.86 -27.15 -19.52
N ILE E 22 -0.42 -26.98 -18.28
CA ILE E 22 0.99 -26.82 -18.00
C ILE E 22 1.27 -27.68 -16.80
N LEU E 23 2.36 -28.44 -16.82
CA LEU E 23 2.69 -29.28 -15.67
C LEU E 23 3.77 -28.57 -14.93
N ASN E 24 3.67 -28.49 -13.60
CA ASN E 24 4.64 -27.76 -12.76
C ASN E 24 5.34 -28.61 -11.71
N CYS E 25 6.65 -28.43 -11.58
CA CYS E 25 7.40 -29.11 -10.53
C CYS E 25 8.13 -28.06 -9.72
N TYR E 26 7.56 -27.62 -8.63
CA TYR E 26 8.21 -26.57 -7.84
C TYR E 26 9.12 -27.27 -6.86
N VAL E 27 10.39 -26.92 -6.89
CA VAL E 27 11.36 -27.50 -5.96
C VAL E 27 11.78 -26.38 -5.03
N THR E 28 11.54 -26.55 -3.72
CA THR E 28 11.83 -25.49 -2.76
C THR E 28 12.57 -25.85 -1.50
N GLN E 29 13.00 -24.81 -0.81
CA GLN E 29 13.69 -24.92 0.47
C GLN E 29 14.96 -25.77 0.44
N PHE E 30 15.81 -25.62 -0.58
CA PHE E 30 17.00 -26.45 -0.62
C PHE E 30 18.32 -25.71 -0.58
N HIS E 31 19.34 -26.37 -0.03
CA HIS E 31 20.69 -25.84 0.13
C HIS E 31 21.62 -27.06 0.24
N PRO E 32 22.75 -27.11 -0.46
CA PRO E 32 23.28 -26.10 -1.34
C PRO E 32 22.43 -25.99 -2.58
N PRO E 33 22.70 -25.00 -3.43
CA PRO E 33 21.89 -24.72 -4.64
C PRO E 33 21.99 -25.76 -5.74
N HIS E 34 23.04 -26.56 -5.71
CA HIS E 34 23.21 -27.57 -6.75
C HIS E 34 22.14 -28.67 -6.66
N ILE E 35 21.31 -28.74 -7.69
CA ILE E 35 20.24 -29.71 -7.72
C ILE E 35 19.91 -30.09 -9.18
N GLU E 36 19.48 -31.33 -9.38
CA GLU E 36 19.14 -31.82 -10.73
C GLU E 36 17.67 -32.15 -10.77
N ILE E 37 16.92 -31.59 -11.73
CA ILE E 37 15.45 -31.83 -11.82
C ILE E 37 14.89 -32.31 -13.19
N GLN E 38 14.32 -33.51 -13.27
CA GLN E 38 13.75 -33.96 -14.54
C GLN E 38 12.27 -34.19 -14.43
N MET E 39 11.55 -33.93 -15.50
CA MET E 39 10.13 -34.20 -15.49
C MET E 39 9.92 -35.46 -16.30
N LEU E 40 9.13 -36.37 -15.75
CA LEU E 40 8.90 -37.65 -16.38
C LEU E 40 7.49 -37.84 -16.86
N LYS E 41 7.36 -38.45 -18.03
CA LYS E 41 6.08 -38.83 -18.58
C LYS E 41 6.22 -40.31 -18.90
N ASN E 42 5.37 -41.10 -18.24
CA ASN E 42 5.41 -42.55 -18.41
C ASN E 42 6.80 -43.08 -18.15
N GLY E 43 7.44 -42.55 -17.11
CA GLY E 43 8.78 -42.96 -16.71
C GLY E 43 9.84 -42.40 -17.66
N LYS E 44 9.36 -41.80 -18.74
CA LYS E 44 10.30 -41.25 -19.68
C LYS E 44 10.51 -39.77 -19.31
N LYS E 45 11.70 -39.24 -19.61
CA LYS E 45 12.00 -37.85 -19.32
C LYS E 45 11.41 -36.89 -20.37
N ILE E 46 10.89 -35.75 -19.95
CA ILE E 46 10.36 -34.81 -20.92
C ILE E 46 11.45 -33.83 -21.38
N PRO E 47 11.60 -33.68 -22.70
CA PRO E 47 12.62 -32.78 -23.28
C PRO E 47 12.33 -31.28 -23.14
N LYS E 48 11.21 -30.80 -23.68
CA LYS E 48 10.86 -29.37 -23.60
C LYS E 48 10.47 -28.98 -22.16
N VAL E 49 11.46 -28.65 -21.33
CA VAL E 49 11.14 -28.27 -19.96
C VAL E 49 11.86 -26.99 -19.64
N GLU E 50 11.12 -26.03 -19.11
CA GLU E 50 11.64 -24.70 -18.77
C GLU E 50 11.87 -24.50 -17.27
N MET E 51 13.04 -23.96 -16.94
CA MET E 51 13.40 -23.68 -15.56
C MET E 51 13.25 -22.18 -15.37
N SER E 52 12.60 -21.77 -14.29
CA SER E 52 12.40 -20.36 -14.08
C SER E 52 12.03 -20.00 -12.67
N ASP E 53 11.86 -18.72 -12.46
CA ASP E 53 11.41 -18.21 -11.20
C ASP E 53 12.27 -18.58 -10.03
N MET E 54 13.58 -18.54 -10.19
CA MET E 54 14.41 -18.90 -9.08
C MET E 54 14.36 -17.80 -8.05
N SER E 55 14.63 -18.12 -6.79
CA SER E 55 14.60 -17.11 -5.72
C SER E 55 15.07 -17.69 -4.39
N PHE E 56 15.28 -16.82 -3.39
CA PHE E 56 15.66 -17.30 -2.07
C PHE E 56 14.56 -16.88 -1.11
N SER E 57 14.76 -17.20 0.17
CA SER E 57 13.81 -16.82 1.22
C SER E 57 14.57 -15.95 2.19
N LYS E 58 13.88 -15.39 3.17
CA LYS E 58 14.60 -14.62 4.18
C LYS E 58 15.50 -15.62 4.86
N ASP E 59 15.18 -16.88 4.59
CA ASP E 59 15.84 -18.03 5.15
C ASP E 59 17.11 -18.42 4.38
N TRP E 60 17.24 -17.88 3.16
CA TRP E 60 18.38 -18.13 2.26
C TRP E 60 18.28 -19.47 1.54
N SER E 61 17.14 -20.15 1.61
CA SER E 61 17.04 -21.43 0.92
C SER E 61 16.57 -21.24 -0.53
N PHE E 62 17.04 -22.09 -1.42
CA PHE E 62 16.71 -21.91 -2.83
C PHE E 62 15.34 -22.42 -3.22
N TYR E 63 14.76 -21.77 -4.21
CA TYR E 63 13.47 -22.14 -4.77
C TYR E 63 13.62 -22.06 -6.26
N ILE E 64 13.21 -23.11 -6.97
CA ILE E 64 13.20 -23.03 -8.43
C ILE E 64 12.05 -23.82 -9.00
N LEU E 65 11.55 -23.36 -10.15
CA LEU E 65 10.39 -24.00 -10.79
C LEU E 65 10.77 -24.60 -12.11
N ALA E 66 10.10 -25.69 -12.46
CA ALA E 66 10.30 -26.33 -13.77
C ALA E 66 8.92 -26.58 -14.28
N HIS E 67 8.62 -26.15 -15.48
CA HIS E 67 7.28 -26.37 -15.97
C HIS E 67 7.35 -26.87 -17.39
N THR E 68 6.20 -27.21 -17.97
CA THR E 68 6.17 -27.70 -19.33
C THR E 68 4.74 -27.82 -19.84
N GLU E 69 4.55 -27.61 -21.14
CA GLU E 69 3.22 -27.74 -21.74
C GLU E 69 2.87 -29.21 -21.88
N PHE E 70 1.58 -29.55 -21.75
CA PHE E 70 1.16 -30.94 -21.85
C PHE E 70 -0.34 -31.12 -21.93
N THR E 71 -0.74 -32.31 -22.35
CA THR E 71 -2.14 -32.67 -22.47
C THR E 71 -2.41 -33.98 -21.74
N PRO E 72 -2.99 -33.89 -20.56
CA PRO E 72 -3.25 -35.08 -19.74
C PRO E 72 -4.09 -36.10 -20.50
N THR E 73 -3.92 -37.34 -20.11
CA THR E 73 -4.58 -38.52 -20.66
C THR E 73 -4.94 -39.36 -19.47
N GLU E 74 -5.81 -40.36 -19.63
CA GLU E 74 -6.21 -41.16 -18.47
C GLU E 74 -5.10 -42.14 -18.06
N THR E 75 -4.34 -42.59 -19.05
CA THR E 75 -3.29 -43.56 -18.80
C THR E 75 -1.99 -42.86 -18.40
N ASP E 76 -1.69 -41.76 -19.07
CA ASP E 76 -0.42 -41.06 -18.83
C ASP E 76 -0.11 -40.73 -17.36
N THR E 77 1.17 -40.87 -17.03
CA THR E 77 1.68 -40.63 -15.69
C THR E 77 2.84 -39.62 -15.72
N TYR E 78 2.69 -38.53 -14.98
CA TYR E 78 3.71 -37.48 -14.92
C TYR E 78 4.38 -37.42 -13.56
N ALA E 79 5.67 -37.12 -13.54
CA ALA E 79 6.37 -37.10 -12.27
C ALA E 79 7.59 -36.19 -12.27
N CYS E 80 8.05 -35.87 -11.07
CA CYS E 80 9.23 -35.06 -10.94
C CYS E 80 10.23 -35.79 -10.11
N ARG E 81 11.41 -35.99 -10.67
CA ARG E 81 12.50 -36.70 -9.96
C ARG E 81 13.61 -35.69 -9.67
N VAL E 82 13.98 -35.59 -8.40
CA VAL E 82 14.96 -34.61 -7.96
C VAL E 82 16.14 -35.26 -7.30
N LYS E 83 17.32 -34.81 -7.71
CA LYS E 83 18.61 -35.29 -7.23
C LYS E 83 19.33 -34.15 -6.48
N HIS E 84 19.68 -34.37 -5.23
CA HIS E 84 20.28 -33.30 -4.45
C HIS E 84 21.18 -33.92 -3.43
N ASP E 85 22.16 -33.14 -3.03
CA ASP E 85 23.18 -33.63 -2.15
C ASP E 85 22.76 -33.89 -0.69
N SER E 86 21.47 -33.91 -0.42
CA SER E 86 21.08 -34.22 0.94
C SER E 86 20.24 -35.47 1.02
N MET E 87 20.06 -36.15 -0.12
CA MET E 87 19.33 -37.42 -0.20
C MET E 87 20.23 -38.45 -0.88
N ALA E 88 20.46 -39.61 -0.30
CA ALA E 88 21.39 -40.51 -0.97
C ALA E 88 20.73 -41.17 -2.18
N GLU E 89 19.42 -40.94 -2.31
CA GLU E 89 18.66 -41.51 -3.40
C GLU E 89 17.73 -40.48 -4.02
N PRO E 90 17.71 -40.42 -5.34
CA PRO E 90 16.77 -39.56 -6.06
C PRO E 90 15.33 -39.71 -5.65
N LYS E 91 14.80 -38.63 -5.12
CA LYS E 91 13.43 -38.62 -4.66
C LYS E 91 12.51 -38.22 -5.79
N THR E 92 11.53 -39.06 -6.06
CA THR E 92 10.55 -38.76 -7.08
C THR E 92 9.21 -38.47 -6.45
N VAL E 93 8.47 -37.55 -7.05
CA VAL E 93 7.16 -37.18 -6.54
C VAL E 93 6.16 -37.24 -7.68
N TYR E 94 5.04 -37.92 -7.52
CA TYR E 94 4.13 -38.08 -8.65
C TYR E 94 3.02 -37.05 -8.74
N TRP E 95 2.36 -37.01 -9.90
CA TRP E 95 1.27 -36.05 -10.12
C TRP E 95 -0.06 -36.68 -9.69
N ASP E 96 -0.78 -35.97 -8.82
CA ASP E 96 -2.07 -36.41 -8.29
C ASP E 96 -3.20 -35.54 -8.82
N ARG E 97 -3.81 -35.97 -9.92
CA ARG E 97 -4.93 -35.23 -10.54
C ARG E 97 -6.06 -34.95 -9.55
N ASP E 98 -6.13 -35.72 -8.48
CA ASP E 98 -7.21 -35.57 -7.51
C ASP E 98 -6.83 -34.84 -6.23
N MET E 99 -5.64 -34.26 -6.18
CA MET E 99 -5.25 -33.58 -4.94
C MET E 99 -6.08 -32.27 -4.70
N ALA F 2 18.71 -0.70 -13.34
CA ALA F 2 18.85 -2.13 -13.44
C ALA F 2 19.80 -2.61 -12.33
N VAL F 3 20.66 -3.59 -12.63
CA VAL F 3 21.62 -4.19 -11.70
C VAL F 3 22.59 -3.24 -11.04
N TYR F 4 23.14 -3.66 -9.93
CA TYR F 4 24.09 -2.83 -9.23
C TYR F 4 25.49 -3.24 -9.60
N ASN F 5 26.45 -2.38 -9.29
CA ASN F 5 27.87 -2.66 -9.49
C ASN F 5 28.37 -3.08 -8.14
N PHE F 6 28.41 -4.38 -7.90
CA PHE F 6 28.80 -4.87 -6.57
C PHE F 6 30.26 -4.62 -6.21
N ALA F 7 30.50 -4.42 -4.91
CA ALA F 7 31.84 -4.16 -4.37
C ALA F 7 32.57 -5.43 -3.90
N THR F 8 33.85 -5.27 -3.54
CA THR F 8 34.64 -6.41 -3.07
C THR F 8 34.62 -6.53 -1.55
N MET F 9 34.62 -7.77 -1.08
CA MET F 9 34.51 -8.03 0.37
C MET F 9 35.85 -8.19 1.11
#